data_3QJH
#
_entry.id   3QJH
#
_cell.length_a   133.166
_cell.length_b   139.458
_cell.length_c   61.975
_cell.angle_alpha   90.000
_cell.angle_beta   90.000
_cell.angle_gamma   90.000
#
_symmetry.space_group_name_H-M   'P 21 21 2'
#
loop_
_entity.id
_entity.type
_entity.pdbx_description
1 polymer '5c.c7 alpha chain'
2 polymer '5c.c7 beta chain'
3 water water
#
loop_
_entity_poly.entity_id
_entity_poly.type
_entity_poly.pdbx_seq_one_letter_code
_entity_poly.pdbx_strand_id
1 'polypeptide(L)'
;MRGDQVEQSPSALSLHEGTGSALRCNFTTTMRAVQWFRKNSRGSLINLFYLASGTKENGRLKSAFDSKERYSTLHIRDAQ
LEDSGTYFCAAEASNTNKVVFGTGTRLQVLPNIQNPDPAVYQLRDSKSSDKSVCLFTDFDSQTNVSQSKDSDVYITDKCV
LDMRSMDFKSNSAVAWSNKSDFACANAFNNSIIPEDTFFPSPESS
;
A,C
2 'polypeptide(L)'
;MKVIQTPRYLVKGQGQKAKMRCIPEKGHPVVFWYQQNKNNEFKFLINFQNQEVLQQIDMTEKRFSAECPSNSPCSLEIQS
SEAGDSALYLCASSLNNANSDYTFGSGTRLLVIEDLKNVFPPEVAVFEPSEAEISHTQKATLVCLATGFYPDHVELSWWV
NGKEVHSGVCTDPQPLKEQPALNDSRYALSSRLRVSATFWQNPRNHFRCQVQFYGLSENDEWTQDRAKPVTQIVSAEAWG
RAD
;
B,D
#
# COMPACT_ATOMS: atom_id res chain seq x y z
N ASP A 4 6.01 -22.98 12.01
CA ASP A 4 4.75 -23.30 11.35
C ASP A 4 4.76 -22.97 9.86
N GLN A 5 5.43 -21.87 9.52
CA GLN A 5 5.43 -21.33 8.16
C GLN A 5 6.82 -21.33 7.53
N VAL A 6 6.84 -21.18 6.21
CA VAL A 6 8.07 -21.10 5.44
C VAL A 6 8.32 -19.64 5.09
N GLU A 7 9.56 -19.20 5.21
CA GLU A 7 9.89 -17.81 4.84
C GLU A 7 9.80 -17.58 3.32
N GLN A 8 8.94 -16.63 2.93
CA GLN A 8 8.71 -16.35 1.52
C GLN A 8 8.99 -14.89 1.21
N SER A 9 9.65 -14.64 0.09
CA SER A 9 9.99 -13.27 -0.31
C SER A 9 9.66 -13.04 -1.77
N PRO A 10 9.27 -11.78 -2.10
CA PRO A 10 9.03 -10.72 -1.12
C PRO A 10 7.64 -10.84 -0.50
N SER A 11 7.37 -10.01 0.50
CA SER A 11 6.05 -9.97 1.11
C SER A 11 5.02 -9.38 0.14
N ALA A 12 5.41 -8.30 -0.51
CA ALA A 12 4.54 -7.63 -1.47
C ALA A 12 5.39 -7.13 -2.64
N LEU A 13 4.76 -7.02 -3.81
CA LEU A 13 5.44 -6.68 -5.05
C LEU A 13 4.48 -6.01 -6.02
N SER A 14 4.92 -4.91 -6.63
CA SER A 14 4.18 -4.24 -7.71
C SER A 14 5.04 -4.23 -8.98
N LEU A 15 4.52 -4.83 -10.05
CA LEU A 15 5.24 -4.92 -11.32
C LEU A 15 4.44 -4.23 -12.40
N HIS A 16 5.11 -3.44 -13.22
CA HIS A 16 4.46 -2.91 -14.40
C HIS A 16 4.30 -4.01 -15.41
N GLU A 17 3.19 -3.97 -16.14
CA GLU A 17 2.92 -4.98 -17.16
C GLU A 17 4.15 -5.11 -18.05
N GLY A 18 4.50 -6.34 -18.40
CA GLY A 18 5.60 -6.60 -19.33
C GLY A 18 6.94 -6.76 -18.67
N THR A 19 6.99 -6.63 -17.34
CA THR A 19 8.26 -6.79 -16.64
C THR A 19 8.30 -8.14 -15.92
N GLY A 20 9.40 -8.45 -15.26
CA GLY A 20 9.54 -9.74 -14.63
C GLY A 20 10.03 -9.67 -13.21
N SER A 21 9.92 -10.77 -12.46
CA SER A 21 10.47 -10.83 -11.13
C SER A 21 10.52 -12.27 -10.61
N ALA A 22 11.22 -12.46 -9.50
CA ALA A 22 11.30 -13.80 -8.91
C ALA A 22 10.81 -13.84 -7.47
N LEU A 23 9.92 -14.78 -7.19
CA LEU A 23 9.48 -15.05 -5.83
C LEU A 23 10.35 -16.20 -5.32
N ARG A 24 10.64 -16.21 -4.03
CA ARG A 24 11.50 -17.23 -3.45
C ARG A 24 10.90 -17.77 -2.14
N CYS A 25 11.14 -19.05 -1.85
CA CYS A 25 10.94 -19.57 -0.51
C CYS A 25 12.24 -20.14 0.02
N ASN A 26 12.55 -19.89 1.29
CA ASN A 26 13.76 -20.39 1.93
C ASN A 26 13.43 -21.38 3.03
N PHE A 27 13.95 -22.60 2.91
CA PHE A 27 13.61 -23.64 3.88
C PHE A 27 14.66 -23.79 4.97
N THR A 28 14.25 -24.25 6.15
CA THR A 28 15.19 -24.46 7.24
C THR A 28 15.41 -25.95 7.54
N THR A 29 14.96 -26.79 6.62
CA THR A 29 15.15 -28.22 6.75
C THR A 29 15.11 -28.80 5.35
N THR A 30 15.34 -30.10 5.22
CA THR A 30 15.34 -30.72 3.91
C THR A 30 13.90 -30.95 3.47
N MET A 31 13.58 -30.51 2.25
CA MET A 31 12.24 -30.67 1.71
C MET A 31 12.22 -31.71 0.61
N ARG A 32 11.14 -32.48 0.59
CA ARG A 32 10.94 -33.51 -0.41
C ARG A 32 10.41 -32.95 -1.73
N ALA A 33 9.52 -31.98 -1.63
CA ALA A 33 8.90 -31.42 -2.83
C ALA A 33 8.27 -30.09 -2.48
N VAL A 34 8.00 -29.28 -3.50
CA VAL A 34 7.40 -27.96 -3.32
C VAL A 34 6.22 -27.77 -4.28
N GLN A 35 5.20 -27.06 -3.83
CA GLN A 35 4.10 -26.67 -4.68
C GLN A 35 3.99 -25.15 -4.68
N TRP A 36 3.62 -24.57 -5.80
CA TRP A 36 3.35 -23.15 -5.88
C TRP A 36 1.89 -22.95 -6.24
N PHE A 37 1.22 -22.06 -5.51
CA PHE A 37 -0.17 -21.72 -5.76
C PHE A 37 -0.33 -20.23 -5.98
N ARG A 38 -1.43 -19.85 -6.63
CA ARG A 38 -1.81 -18.44 -6.72
C ARG A 38 -3.30 -18.28 -6.44
N LYS A 39 -3.64 -17.36 -5.55
CA LYS A 39 -5.03 -16.99 -5.25
C LYS A 39 -5.30 -15.56 -5.69
N ASN A 40 -6.29 -15.43 -6.56
CA ASN A 40 -6.72 -14.16 -7.10
C ASN A 40 -7.95 -13.68 -6.35
N ARG A 42 -10.49 -12.92 -3.74
CA ARG A 42 -11.46 -13.92 -3.27
C ARG A 42 -11.53 -15.17 -4.16
N GLY A 43 -10.64 -15.26 -5.14
CA GLY A 43 -10.61 -16.41 -6.02
C GLY A 43 -10.17 -17.68 -5.32
N SER A 44 -10.05 -18.77 -6.08
CA SER A 44 -9.58 -20.04 -5.54
C SER A 44 -8.06 -20.12 -5.61
N LEU A 45 -7.49 -20.99 -4.79
CA LEU A 45 -6.08 -21.33 -4.88
C LEU A 45 -5.83 -22.20 -6.09
N ILE A 46 -5.14 -21.68 -7.09
CA ILE A 46 -4.84 -22.44 -8.30
C ILE A 46 -3.43 -23.02 -8.25
N ASN A 47 -3.32 -24.30 -8.57
CA ASN A 47 -2.02 -24.94 -8.61
C ASN A 47 -1.20 -24.43 -9.79
N LEU A 48 0.04 -24.02 -9.53
CA LEU A 48 0.92 -23.55 -10.61
C LEU A 48 1.91 -24.63 -10.96
N PHE A 49 2.63 -25.11 -9.96
CA PHE A 49 3.67 -26.10 -10.19
C PHE A 49 3.80 -27.03 -9.00
N TYR A 50 4.18 -28.27 -9.29
CA TYR A 50 4.56 -29.19 -8.25
C TYR A 50 5.85 -29.80 -8.76
N LEU A 51 6.90 -29.79 -7.95
CA LEU A 51 8.12 -30.45 -8.37
C LEU A 51 8.97 -30.98 -7.22
N ALA A 52 9.78 -31.99 -7.53
CA ALA A 52 10.62 -32.63 -6.52
C ALA A 52 12.10 -32.36 -6.79
N SER A 53 12.38 -31.75 -7.94
CA SER A 53 13.75 -31.40 -8.30
C SER A 53 13.78 -30.60 -9.60
N GLY A 54 14.96 -30.09 -9.94
CA GLY A 54 15.15 -29.39 -11.20
C GLY A 54 14.20 -28.21 -11.36
N THR A 55 13.67 -28.06 -12.56
CA THR A 55 12.82 -26.91 -12.86
C THR A 55 11.61 -27.35 -13.67
N LYS A 56 10.63 -26.48 -13.77
CA LYS A 56 9.48 -26.67 -14.63
C LYS A 56 9.05 -25.32 -15.18
N GLU A 57 8.52 -25.31 -16.39
CA GLU A 57 8.18 -24.06 -17.03
C GLU A 57 6.85 -24.19 -17.74
N ASN A 58 6.00 -23.18 -17.56
CA ASN A 58 4.70 -23.21 -18.22
C ASN A 58 4.23 -21.80 -18.56
N GLY A 59 4.21 -21.51 -19.85
CA GLY A 59 3.93 -20.17 -20.31
C GLY A 59 4.94 -19.20 -19.72
N ARG A 60 4.44 -18.13 -19.11
CA ARG A 60 5.30 -17.08 -18.59
C ARG A 60 5.85 -17.35 -17.20
N LEU A 61 5.56 -18.52 -16.64
CA LEU A 61 6.08 -18.86 -15.32
C LEU A 61 7.10 -20.01 -15.37
N LYS A 62 8.05 -19.96 -14.46
CA LYS A 62 9.07 -21.01 -14.34
C LYS A 62 9.42 -21.22 -12.89
N SER A 63 9.43 -22.46 -12.46
CA SER A 63 9.78 -22.75 -11.09
C SER A 63 11.03 -23.61 -11.00
N ALA A 64 11.76 -23.46 -9.91
CA ALA A 64 12.96 -24.24 -9.66
C ALA A 64 12.95 -24.71 -8.23
N PHE A 65 13.53 -25.89 -7.97
CA PHE A 65 13.61 -26.41 -6.60
C PHE A 65 14.91 -27.15 -6.36
N ASP A 66 15.66 -26.67 -5.37
CA ASP A 66 16.91 -27.29 -4.91
C ASP A 66 16.75 -27.70 -3.46
N SER A 67 16.42 -28.97 -3.22
CA SER A 67 16.30 -29.50 -1.86
C SER A 67 17.58 -29.24 -1.08
N LYS A 68 18.71 -29.60 -1.67
CA LYS A 68 19.99 -29.40 -1.00
C LYS A 68 20.24 -27.97 -0.56
N GLU A 69 20.06 -27.03 -1.48
CA GLU A 69 20.34 -25.62 -1.20
C GLU A 69 19.27 -24.99 -0.31
N ARG A 70 18.17 -25.71 -0.13
CA ARG A 70 17.05 -25.28 0.72
C ARG A 70 16.31 -24.03 0.23
N TYR A 71 15.98 -24.00 -1.05
CA TYR A 71 15.17 -22.91 -1.61
C TYR A 71 14.35 -23.38 -2.80
N SER A 72 13.31 -22.61 -3.11
CA SER A 72 12.60 -22.77 -4.36
C SER A 72 12.28 -21.36 -4.85
N THR A 73 12.22 -21.19 -6.16
CA THR A 73 11.89 -19.90 -6.78
C THR A 73 10.75 -20.06 -7.76
N LEU A 74 10.07 -18.94 -8.03
CA LEU A 74 9.07 -18.89 -9.07
C LEU A 74 9.29 -17.60 -9.84
N HIS A 75 9.62 -17.72 -11.12
CA HIS A 75 9.88 -16.55 -11.96
C HIS A 75 8.65 -16.22 -12.80
N ILE A 76 8.29 -14.94 -12.82
CA ILE A 76 7.28 -14.43 -13.74
C ILE A 76 7.98 -13.52 -14.75
N ARG A 77 7.73 -13.75 -16.04
CA ARG A 77 8.22 -12.85 -17.08
C ARG A 77 7.04 -12.23 -17.78
N ASP A 78 7.26 -11.11 -18.45
CA ASP A 78 6.21 -10.45 -19.23
C ASP A 78 4.89 -10.36 -18.47
N ALA A 79 4.97 -9.84 -17.25
CA ALA A 79 3.86 -9.79 -16.32
C ALA A 79 2.58 -9.27 -16.96
N GLN A 80 1.50 -9.96 -16.67
CA GLN A 80 0.18 -9.54 -17.14
C GLN A 80 -0.77 -9.27 -15.97
N LEU A 81 -1.79 -8.46 -16.26
CA LEU A 81 -2.78 -8.12 -15.27
C LEU A 81 -3.29 -9.37 -14.57
N GLU A 82 -3.59 -10.40 -15.35
CA GLU A 82 -4.17 -11.62 -14.80
C GLU A 82 -3.23 -12.38 -13.88
N ASP A 83 -1.96 -11.98 -13.84
CA ASP A 83 -0.98 -12.57 -12.93
C ASP A 83 -1.16 -12.07 -11.50
N SER A 84 -1.92 -10.99 -11.35
CA SER A 84 -2.15 -10.40 -10.03
C SER A 84 -2.77 -11.38 -9.06
N GLY A 85 -2.38 -11.27 -7.79
CA GLY A 85 -2.93 -12.11 -6.74
C GLY A 85 -1.90 -12.44 -5.67
N THR A 86 -2.26 -13.37 -4.79
CA THR A 86 -1.33 -13.79 -3.75
C THR A 86 -0.77 -15.18 -4.03
N TYR A 87 0.56 -15.25 -4.06
CA TYR A 87 1.28 -16.49 -4.35
C TYR A 87 1.74 -17.16 -3.07
N PHE A 88 1.62 -18.48 -3.03
CA PHE A 88 2.09 -19.25 -1.89
C PHE A 88 2.93 -20.40 -2.38
N CYS A 89 4.03 -20.66 -1.67
CA CYS A 89 4.73 -21.92 -1.86
C CYS A 89 4.26 -22.84 -0.73
N ALA A 90 4.36 -24.15 -0.95
CA ALA A 90 4.02 -25.11 0.08
C ALA A 90 5.00 -26.26 -0.05
N ALA A 91 5.63 -26.63 1.06
CA ALA A 91 6.70 -27.62 0.96
C ALA A 91 6.51 -28.74 1.97
N GLU A 92 6.86 -29.96 1.55
CA GLU A 92 6.77 -31.09 2.43
C GLU A 92 8.15 -31.38 3.02
N ALA A 93 8.25 -31.33 4.34
CA ALA A 93 9.50 -31.57 5.04
C ALA A 93 9.79 -33.08 5.02
N SER A 94 11.02 -33.43 4.68
CA SER A 94 11.42 -34.84 4.65
C SER A 94 11.30 -35.54 6.01
N ASN A 95 11.58 -34.80 7.08
CA ASN A 95 11.64 -35.42 8.41
C ASN A 95 10.29 -35.54 9.13
N THR A 96 9.23 -34.98 8.55
CA THR A 96 7.91 -35.05 9.17
C THR A 96 6.84 -35.57 8.21
N ASN A 97 7.11 -35.48 6.91
CA ASN A 97 6.12 -35.80 5.89
C ASN A 97 4.88 -34.92 5.98
N LYS A 98 5.02 -33.72 6.55
CA LYS A 98 3.93 -32.77 6.64
C LYS A 98 4.23 -31.55 5.77
N VAL A 99 3.18 -30.94 5.23
CA VAL A 99 3.30 -29.76 4.39
C VAL A 99 3.23 -28.48 5.21
N VAL A 100 4.14 -27.54 4.93
CA VAL A 100 4.14 -26.24 5.56
C VAL A 100 4.04 -25.18 4.46
N PHE A 101 3.22 -24.14 4.69
CA PHE A 101 2.94 -23.12 3.67
C PHE A 101 3.76 -21.84 3.90
N GLY A 102 4.19 -21.22 2.80
CA GLY A 102 4.94 -19.96 2.87
C GLY A 102 4.07 -18.82 3.37
N THR A 103 4.70 -17.73 3.81
CA THR A 103 3.95 -16.60 4.34
C THR A 103 3.16 -15.84 3.26
N GLY A 104 3.49 -16.06 1.99
CA GLY A 104 2.72 -15.48 0.90
C GLY A 104 3.32 -14.21 0.31
N THR A 105 3.12 -14.01 -0.99
CA THR A 105 3.57 -12.79 -1.67
C THR A 105 2.36 -12.16 -2.35
N ARG A 106 2.05 -10.92 -1.99
CA ARG A 106 0.95 -10.24 -2.66
C ARG A 106 1.47 -9.48 -3.87
N LEU A 107 1.16 -9.99 -5.08
CA LEU A 107 1.60 -9.38 -6.34
C LEU A 107 0.51 -8.53 -6.98
N GLN A 108 0.86 -7.26 -7.24
CA GLN A 108 -0.01 -6.36 -7.99
C GLN A 108 0.66 -6.06 -9.32
N VAL A 109 -0.08 -6.21 -10.41
CA VAL A 109 0.46 -5.89 -11.71
C VAL A 109 -0.19 -4.62 -12.22
N LEU A 110 0.62 -3.63 -12.55
CA LEU A 110 0.11 -2.30 -12.94
C LEU A 110 -0.05 -2.20 -14.46
N PRO A 111 -1.26 -1.89 -14.94
CA PRO A 111 -1.45 -1.85 -16.39
C PRO A 111 -0.63 -0.69 -16.95
N ASN A 112 -0.26 -0.79 -18.21
CA ASN A 112 0.47 0.33 -18.79
C ASN A 112 -0.43 1.19 -19.68
N ILE A 113 -0.81 2.33 -19.14
CA ILE A 113 -1.80 3.19 -19.77
C ILE A 113 -1.14 3.98 -20.88
N GLN A 114 -1.40 3.57 -22.12
CA GLN A 114 -0.79 4.20 -23.30
C GLN A 114 -1.08 5.69 -23.36
N ASN A 115 -2.36 6.03 -23.27
CA ASN A 115 -2.76 7.43 -23.35
C ASN A 115 -3.77 7.77 -22.27
N PRO A 116 -3.27 8.19 -21.10
CA PRO A 116 -4.14 8.51 -19.96
C PRO A 116 -5.08 9.62 -20.32
N ASP A 117 -6.33 9.50 -19.90
CA ASP A 117 -7.29 10.54 -20.17
C ASP A 117 -8.09 10.83 -18.91
N PRO A 118 -7.40 11.26 -17.83
CA PRO A 118 -8.07 11.38 -16.52
C PRO A 118 -9.35 12.19 -16.59
N ALA A 119 -10.42 11.66 -16.00
CA ALA A 119 -11.71 12.33 -16.02
C ALA A 119 -12.60 11.91 -14.85
N VAL A 120 -13.49 12.80 -14.44
CA VAL A 120 -14.49 12.45 -13.45
C VAL A 120 -15.86 12.64 -14.08
N TYR A 121 -16.65 11.57 -14.13
CA TYR A 121 -17.96 11.59 -14.77
C TYR A 121 -19.08 11.39 -13.77
N GLN A 122 -20.22 12.01 -14.03
CA GLN A 122 -21.40 11.77 -13.23
C GLN A 122 -22.29 10.75 -13.95
N LEU A 123 -22.72 9.70 -13.23
CA LEU A 123 -23.62 8.68 -13.80
C LEU A 123 -24.92 8.62 -13.01
N ARG A 124 -26.06 8.60 -13.70
CA ARG A 124 -27.34 8.57 -12.99
C ARG A 124 -27.97 7.20 -12.95
N ASP A 125 -28.70 6.93 -11.88
CA ASP A 125 -29.40 5.67 -11.67
C ASP A 125 -30.28 5.35 -12.87
N SER A 126 -30.24 4.09 -13.28
CA SER A 126 -31.04 3.58 -14.40
C SER A 126 -32.52 3.74 -14.10
N LYS A 127 -32.87 3.74 -12.82
CA LYS A 127 -34.26 3.81 -12.39
C LYS A 127 -34.60 5.15 -11.71
N ASP A 130 -33.18 9.69 -8.81
CA ASP A 130 -32.46 10.95 -8.66
C ASP A 130 -31.07 10.70 -8.07
N LYS A 131 -30.66 9.44 -8.07
CA LYS A 131 -29.40 9.03 -7.48
C LYS A 131 -28.29 8.96 -8.53
N SER A 132 -27.08 9.26 -8.11
CA SER A 132 -25.93 9.24 -9.02
C SER A 132 -24.67 8.79 -8.29
N VAL A 133 -23.67 8.41 -9.07
CA VAL A 133 -22.33 8.13 -8.55
C VAL A 133 -21.37 8.94 -9.41
N CYS A 134 -20.15 9.10 -8.90
CA CYS A 134 -19.09 9.76 -9.64
C CYS A 134 -18.03 8.74 -10.04
N LEU A 135 -17.59 8.81 -11.29
CA LEU A 135 -16.58 7.88 -11.80
C LEU A 135 -15.29 8.60 -12.18
N PHE A 136 -14.22 8.35 -11.41
CA PHE A 136 -12.88 8.82 -11.73
C PHE A 136 -12.23 7.74 -12.55
N THR A 137 -11.81 8.05 -13.77
CA THR A 137 -11.33 7.00 -14.66
C THR A 137 -10.20 7.43 -15.61
N ASP A 138 -9.45 6.45 -16.09
CA ASP A 138 -8.54 6.64 -17.22
C ASP A 138 -7.23 7.36 -16.83
N PHE A 139 -6.99 7.46 -15.54
CA PHE A 139 -5.73 7.95 -15.00
C PHE A 139 -4.67 6.87 -15.06
N ASP A 140 -3.41 7.30 -14.96
CA ASP A 140 -2.31 6.34 -15.06
C ASP A 140 -2.07 5.72 -13.69
N SER A 141 -1.25 4.65 -13.66
CA SER A 141 -1.08 3.86 -12.46
C SER A 141 -0.31 4.68 -11.45
N GLN A 142 0.04 5.89 -11.85
CA GLN A 142 0.81 6.78 -11.01
C GLN A 142 -0.06 7.55 -10.02
N THR A 143 -1.34 7.67 -10.33
CA THR A 143 -2.27 8.37 -9.46
C THR A 143 -2.76 7.47 -8.33
N ASN A 144 -2.93 8.05 -7.15
CA ASN A 144 -3.43 7.28 -6.02
C ASN A 144 -4.76 7.83 -5.51
N VAL A 145 -5.71 6.94 -5.28
CA VAL A 145 -7.04 7.36 -4.83
C VAL A 145 -7.15 7.22 -3.33
N SER A 146 -7.45 8.31 -2.65
CA SER A 146 -7.53 8.27 -1.20
C SER A 146 -8.97 8.14 -0.74
N GLN A 147 -9.16 7.50 0.41
CA GLN A 147 -10.47 7.41 1.01
C GLN A 147 -10.89 8.80 1.45
N SER A 148 -12.20 8.98 1.62
CA SER A 148 -12.71 10.22 2.16
C SER A 148 -12.60 10.21 3.68
N LYS A 149 -12.48 11.37 4.29
CA LYS A 149 -12.38 11.41 5.75
C LYS A 149 -13.71 11.75 6.42
N ASP A 150 -14.80 11.80 5.65
CA ASP A 150 -16.12 11.87 6.27
C ASP A 150 -16.99 10.66 5.92
N SER A 151 -17.54 10.04 6.97
CA SER A 151 -18.25 8.77 6.86
C SER A 151 -19.45 8.81 5.92
N ASP A 152 -19.82 10.01 5.48
CA ASP A 152 -20.98 10.21 4.60
C ASP A 152 -20.69 10.09 3.10
N VAL A 153 -19.41 10.04 2.75
CA VAL A 153 -19.04 9.85 1.36
C VAL A 153 -18.25 8.56 1.22
N TYR A 154 -18.56 7.82 0.16
CA TYR A 154 -17.94 6.50 -0.04
C TYR A 154 -17.10 6.54 -1.30
N ILE A 155 -15.86 6.09 -1.20
CA ILE A 155 -14.91 6.13 -2.28
C ILE A 155 -14.22 4.77 -2.31
N THR A 156 -14.26 4.10 -3.45
CA THR A 156 -13.63 2.78 -3.55
C THR A 156 -12.17 2.92 -3.92
N ASP A 157 -11.41 1.84 -3.74
CA ASP A 157 -10.04 1.82 -4.24
C ASP A 157 -10.08 1.73 -5.76
N LYS A 158 -8.96 1.99 -6.41
CA LYS A 158 -8.92 1.86 -7.87
C LYS A 158 -9.08 0.41 -8.29
N CYS A 159 -9.53 0.21 -9.51
CA CYS A 159 -9.82 -1.12 -10.02
C CYS A 159 -9.45 -1.07 -11.51
N VAL A 160 -8.80 -2.12 -12.01
CA VAL A 160 -8.38 -2.15 -13.41
C VAL A 160 -9.26 -3.12 -14.21
N LEU A 161 -9.85 -2.63 -15.29
CA LEU A 161 -10.63 -3.49 -16.17
C LEU A 161 -9.88 -3.65 -17.47
N ASP A 162 -10.12 -4.76 -18.16
CA ASP A 162 -9.42 -5.05 -19.40
C ASP A 162 -10.45 -5.40 -20.46
N MET A 163 -10.62 -4.51 -21.43
CA MET A 163 -11.51 -4.72 -22.57
C MET A 163 -10.75 -5.50 -23.63
N ARG A 164 -10.82 -6.81 -23.54
CA ARG A 164 -10.03 -7.69 -24.41
C ARG A 164 -10.22 -7.41 -25.92
N SER A 165 -11.47 -7.30 -26.36
CA SER A 165 -11.77 -7.05 -27.77
C SER A 165 -10.94 -5.92 -28.37
N MET A 166 -10.70 -4.88 -27.58
CA MET A 166 -9.97 -3.71 -28.06
C MET A 166 -8.55 -3.62 -27.48
N ASP A 167 -8.16 -4.64 -26.72
CA ASP A 167 -6.86 -4.64 -26.07
C ASP A 167 -6.62 -3.31 -25.35
N PHE A 168 -7.57 -2.93 -24.50
CA PHE A 168 -7.55 -1.66 -23.81
C PHE A 168 -7.76 -1.88 -22.32
N LYS A 169 -6.95 -1.22 -21.50
CA LYS A 169 -7.04 -1.36 -20.06
C LYS A 169 -7.21 0.01 -19.41
N SER A 170 -7.95 0.06 -18.32
CA SER A 170 -8.17 1.33 -17.64
C SER A 170 -8.43 1.21 -16.15
N ASN A 171 -7.95 2.23 -15.42
CA ASN A 171 -8.16 2.39 -14.00
C ASN A 171 -9.45 3.16 -13.74
N SER A 172 -10.16 2.83 -12.66
CA SER A 172 -11.20 3.72 -12.16
C SER A 172 -11.45 3.53 -10.68
N ALA A 173 -12.07 4.55 -10.06
CA ALA A 173 -12.60 4.45 -8.72
C ALA A 173 -13.96 5.13 -8.72
N VAL A 174 -14.84 4.71 -7.81
CA VAL A 174 -16.21 5.18 -7.77
C VAL A 174 -16.42 5.90 -6.45
N ALA A 175 -17.23 6.95 -6.46
CA ALA A 175 -17.55 7.71 -5.25
C ALA A 175 -19.02 8.06 -5.27
N TRP A 176 -19.66 7.99 -4.10
CA TRP A 176 -21.06 8.33 -4.02
C TRP A 176 -21.41 8.83 -2.62
N SER A 177 -22.51 9.57 -2.50
CA SER A 177 -22.94 10.12 -1.22
C SER A 177 -24.40 10.52 -1.25
N ASN A 178 -24.97 10.85 -0.10
CA ASN A 178 -26.34 11.33 -0.01
C ASN A 178 -26.39 12.80 0.38
N LYS A 179 -25.36 13.23 1.10
CA LYS A 179 -25.23 14.62 1.52
C LYS A 179 -25.43 15.56 0.34
N SER A 180 -26.40 16.47 0.47
CA SER A 180 -26.73 17.38 -0.62
C SER A 180 -25.56 18.28 -1.01
N ASP A 181 -24.51 18.25 -0.21
CA ASP A 181 -23.31 19.05 -0.48
C ASP A 181 -22.31 18.32 -1.39
N PHE A 182 -22.69 17.12 -1.82
CA PHE A 182 -21.79 16.27 -2.60
C PHE A 182 -21.96 16.48 -4.10
N ALA A 183 -20.86 16.81 -4.76
CA ALA A 183 -20.85 16.97 -6.21
C ALA A 183 -19.58 16.34 -6.78
N CYS A 184 -19.68 15.85 -8.01
CA CYS A 184 -18.52 15.20 -8.61
C CYS A 184 -17.31 16.13 -8.68
N ALA A 185 -17.55 17.42 -8.89
CA ALA A 185 -16.47 18.38 -8.93
C ALA A 185 -15.53 18.27 -7.73
N ASN A 186 -16.06 17.91 -6.57
CA ASN A 186 -15.22 17.79 -5.39
C ASN A 186 -15.18 16.42 -4.72
N ALA A 187 -15.71 15.41 -5.40
CA ALA A 187 -15.80 14.07 -4.83
C ALA A 187 -14.43 13.53 -4.44
N PHE A 188 -13.44 13.81 -5.27
CA PHE A 188 -12.11 13.23 -5.07
C PHE A 188 -11.11 14.26 -4.55
N ASN A 189 -11.61 15.32 -3.91
CA ASN A 189 -10.74 16.38 -3.41
C ASN A 189 -9.66 15.84 -2.48
N ASN A 190 -9.95 14.71 -1.84
CA ASN A 190 -9.01 14.08 -0.92
C ASN A 190 -7.83 13.45 -1.64
N SER A 191 -7.93 13.34 -2.96
CA SER A 191 -6.86 12.72 -3.75
C SER A 191 -6.02 13.76 -4.45
N ILE A 192 -4.80 13.35 -4.80
CA ILE A 192 -3.94 14.15 -5.66
C ILE A 192 -4.14 13.67 -7.07
N ILE A 193 -5.03 14.33 -7.80
CA ILE A 193 -5.39 13.89 -9.14
C ILE A 193 -4.67 14.73 -10.19
N PRO A 194 -4.53 14.20 -11.41
CA PRO A 194 -3.81 14.94 -12.45
C PRO A 194 -4.38 16.35 -12.66
N GLU A 195 -3.50 17.30 -12.94
CA GLU A 195 -3.90 18.69 -13.11
C GLU A 195 -4.84 18.87 -14.30
N ASP A 196 -4.69 18.00 -15.30
CA ASP A 196 -5.53 18.08 -16.48
C ASP A 196 -6.71 17.12 -16.44
N THR A 197 -7.14 16.73 -15.24
CA THR A 197 -8.30 15.87 -15.12
C THR A 197 -9.53 16.57 -15.71
N PHE A 198 -10.26 15.84 -16.55
CA PHE A 198 -11.44 16.37 -17.25
C PHE A 198 -12.67 16.36 -16.37
N PHE A 199 -13.28 17.54 -16.19
CA PHE A 199 -14.50 17.68 -15.38
C PHE A 199 -15.67 18.20 -16.20
N PRO A 200 -16.38 17.30 -16.90
CA PRO A 200 -17.47 17.64 -17.80
C PRO A 200 -18.53 18.53 -17.14
N SER A 201 -19.28 19.27 -17.96
CA SER A 201 -20.38 20.13 -17.54
C SER A 201 -19.88 21.53 -17.24
N MET B 1 -14.14 -26.27 -10.03
CA MET B 1 -13.84 -27.20 -11.12
C MET B 1 -13.59 -28.61 -10.57
N LYS B 2 -12.31 -28.95 -10.41
CA LYS B 2 -11.96 -30.28 -9.93
C LYS B 2 -12.59 -30.58 -8.59
N VAL B 3 -12.29 -29.74 -7.61
CA VAL B 3 -12.80 -29.92 -6.26
C VAL B 3 -13.95 -28.96 -6.03
N ILE B 4 -15.09 -29.49 -5.60
CA ILE B 4 -16.30 -28.68 -5.46
C ILE B 4 -16.71 -28.55 -3.99
N GLN B 5 -16.53 -27.34 -3.45
CA GLN B 5 -16.92 -27.04 -2.09
C GLN B 5 -18.19 -26.24 -2.07
N THR B 6 -19.06 -26.57 -1.12
CA THR B 6 -20.28 -25.78 -0.88
C THR B 6 -20.49 -25.69 0.61
N PRO B 7 -21.11 -24.58 1.08
CA PRO B 7 -21.43 -23.42 0.25
C PRO B 7 -20.25 -22.47 0.20
N ARG B 8 -20.24 -21.58 -0.79
CA ARG B 8 -19.12 -20.65 -0.93
C ARG B 8 -18.99 -19.72 0.29
N TYR B 9 -20.12 -19.31 0.85
CA TYR B 9 -20.17 -18.48 2.06
C TYR B 9 -21.16 -19.06 3.04
N LEU B 10 -20.94 -18.84 4.32
CA LEU B 10 -21.85 -19.32 5.35
C LEU B 10 -21.85 -18.36 6.53
N VAL B 11 -23.03 -17.98 6.99
CA VAL B 11 -23.15 -17.23 8.22
C VAL B 11 -24.00 -18.01 9.21
N LYS B 12 -23.57 -18.04 10.47
CA LYS B 12 -24.29 -18.76 11.53
C LYS B 12 -24.19 -17.98 12.82
N GLY B 13 -25.16 -18.17 13.72
CA GLY B 13 -25.09 -17.55 15.03
C GLY B 13 -24.34 -18.42 16.01
N GLN B 14 -23.78 -17.80 17.05
CA GLN B 14 -23.09 -18.51 18.11
C GLN B 14 -23.92 -19.71 18.57
N GLY B 15 -23.28 -20.87 18.65
CA GLY B 15 -23.94 -22.06 19.17
C GLY B 15 -24.68 -22.92 18.14
N GLN B 16 -24.75 -22.46 16.90
CA GLN B 16 -25.39 -23.25 15.85
C GLN B 16 -24.39 -24.18 15.17
N LYS B 17 -24.89 -25.19 14.49
CA LYS B 17 -24.02 -26.09 13.73
C LYS B 17 -23.70 -25.46 12.39
N ALA B 18 -22.48 -25.66 11.91
CA ALA B 18 -22.10 -25.15 10.61
C ALA B 18 -21.51 -26.27 9.78
N LYS B 19 -22.25 -26.71 8.77
CA LYS B 19 -21.82 -27.80 7.92
C LYS B 19 -21.41 -27.35 6.51
N MET B 20 -20.26 -27.87 6.07
CA MET B 20 -19.76 -27.59 4.73
C MET B 20 -19.38 -28.89 4.06
N ARG B 21 -19.39 -28.89 2.73
CA ARG B 21 -19.22 -30.10 1.97
C ARG B 21 -18.13 -29.93 0.94
N CYS B 22 -17.48 -31.03 0.61
CA CYS B 22 -16.46 -31.04 -0.41
C CYS B 22 -16.56 -32.33 -1.24
N ILE B 23 -16.56 -32.18 -2.56
CA ILE B 23 -16.51 -33.31 -3.48
C ILE B 23 -15.11 -33.35 -4.08
N PRO B 24 -14.31 -34.36 -3.69
CA PRO B 24 -12.92 -34.41 -4.12
C PRO B 24 -12.82 -34.66 -5.63
N GLU B 25 -11.66 -34.39 -6.21
CA GLU B 25 -11.47 -34.69 -7.62
C GLU B 25 -11.52 -36.19 -7.78
N LYS B 26 -12.20 -36.65 -8.83
CA LYS B 26 -12.32 -38.07 -9.09
C LYS B 26 -10.92 -38.68 -9.23
N GLY B 27 -10.73 -39.84 -8.62
CA GLY B 27 -9.45 -40.52 -8.72
C GLY B 27 -8.47 -40.12 -7.64
N HIS B 28 -8.88 -39.20 -6.78
CA HIS B 28 -8.06 -38.76 -5.65
C HIS B 28 -8.76 -39.10 -4.35
N PRO B 29 -8.28 -40.13 -3.66
CA PRO B 29 -8.96 -40.68 -2.48
C PRO B 29 -8.66 -39.93 -1.19
N VAL B 30 -7.61 -39.11 -1.17
CA VAL B 30 -7.25 -38.44 0.07
C VAL B 30 -7.82 -37.01 0.07
N VAL B 31 -8.50 -36.65 1.15
CA VAL B 31 -9.13 -35.34 1.26
C VAL B 31 -8.60 -34.65 2.49
N PHE B 32 -8.13 -33.42 2.31
CA PHE B 32 -7.55 -32.64 3.40
C PHE B 32 -8.49 -31.47 3.72
N TRP B 33 -8.64 -31.15 5.01
CA TRP B 33 -9.32 -29.92 5.41
C TRP B 33 -8.32 -28.97 6.09
N TYR B 34 -8.25 -27.75 5.59
CA TYR B 34 -7.50 -26.66 6.22
C TYR B 34 -8.40 -25.49 6.60
N GLN B 35 -8.00 -24.82 7.68
CA GLN B 35 -8.63 -23.60 8.15
C GLN B 35 -7.61 -22.45 7.93
N GLN B 36 -7.97 -21.48 7.09
CA GLN B 36 -7.07 -20.37 6.81
C GLN B 36 -7.58 -19.07 7.42
N ASN B 37 -6.73 -18.41 8.19
CA ASN B 37 -7.13 -17.15 8.80
C ASN B 37 -6.78 -15.93 7.94
N LYS B 38 -7.11 -14.75 8.46
CA LYS B 38 -6.93 -13.50 7.73
C LYS B 38 -5.46 -13.20 7.48
N ASN B 39 -4.59 -13.80 8.30
CA ASN B 39 -3.16 -13.63 8.14
C ASN B 39 -2.51 -14.65 7.21
N ASN B 40 -3.33 -15.30 6.40
CA ASN B 40 -2.86 -16.27 5.42
C ASN B 40 -2.13 -17.48 6.02
N GLU B 41 -2.45 -17.79 7.27
CA GLU B 41 -1.93 -19.01 7.91
C GLU B 41 -2.85 -20.18 7.60
N PHE B 42 -2.27 -21.32 7.25
CA PHE B 42 -3.02 -22.54 6.91
C PHE B 42 -2.94 -23.52 8.07
N LYS B 43 -4.06 -23.73 8.76
CA LYS B 43 -4.08 -24.63 9.92
C LYS B 43 -4.70 -25.99 9.53
N PHE B 44 -3.87 -27.03 9.49
CA PHE B 44 -4.35 -28.37 9.16
C PHE B 44 -5.37 -28.85 10.20
N LEU B 45 -6.50 -29.38 9.74
CA LEU B 45 -7.55 -29.87 10.63
C LEU B 45 -7.62 -31.39 10.65
N ILE B 46 -7.72 -31.99 9.47
CA ILE B 46 -7.96 -33.43 9.39
C ILE B 46 -7.85 -33.90 7.95
N ASN B 47 -7.49 -35.15 7.74
CA ASN B 47 -7.56 -35.70 6.40
C ASN B 47 -8.08 -37.13 6.38
N PHE B 48 -8.62 -37.53 5.23
CA PHE B 48 -9.22 -38.86 5.06
C PHE B 48 -8.63 -39.56 3.86
N GLN B 49 -8.47 -40.88 3.97
CA GLN B 49 -8.27 -41.67 2.78
C GLN B 49 -9.53 -42.48 2.61
N ASN B 50 -10.28 -42.24 1.54
CA ASN B 50 -11.61 -42.81 1.45
C ASN B 50 -12.39 -42.50 2.74
N GLN B 51 -12.95 -43.52 3.40
CA GLN B 51 -13.77 -43.26 4.59
C GLN B 51 -12.95 -43.13 5.86
N GLU B 52 -11.64 -43.41 5.80
CA GLU B 52 -10.82 -43.46 7.02
C GLU B 52 -10.10 -42.15 7.31
N VAL B 53 -10.02 -41.80 8.59
CA VAL B 53 -9.19 -40.70 9.05
C VAL B 53 -7.72 -41.12 9.10
N LEU B 54 -6.84 -40.30 8.52
CA LEU B 54 -5.41 -40.57 8.59
C LEU B 54 -4.73 -39.76 9.68
N GLN B 55 -4.79 -38.43 9.56
CA GLN B 55 -4.26 -37.56 10.61
C GLN B 55 -5.30 -36.48 10.98
N GLN B 56 -5.14 -35.88 12.14
CA GLN B 56 -6.01 -34.79 12.58
C GLN B 56 -5.45 -34.18 13.86
N ILE B 57 -6.15 -33.19 14.40
CA ILE B 57 -5.72 -32.56 15.64
C ILE B 57 -6.79 -32.76 16.70
N ASP B 58 -6.48 -32.41 17.95
CA ASP B 58 -7.43 -32.56 19.05
C ASP B 58 -8.69 -31.70 18.86
N MET B 59 -8.49 -30.44 18.46
CA MET B 59 -9.59 -29.51 18.28
C MET B 59 -10.63 -30.10 17.34
N THR B 60 -10.16 -30.60 16.21
CA THR B 60 -11.07 -31.08 15.16
C THR B 60 -11.83 -32.29 15.68
N GLU B 61 -11.13 -33.09 16.48
CA GLU B 61 -11.68 -34.29 17.09
C GLU B 61 -12.74 -33.95 18.15
N LYS B 62 -12.55 -32.86 18.87
CA LYS B 62 -13.50 -32.49 19.92
C LYS B 62 -14.62 -31.55 19.44
N ARG B 63 -14.30 -30.68 18.49
CA ARG B 63 -15.19 -29.58 18.11
C ARG B 63 -15.95 -29.79 16.81
N PHE B 64 -15.43 -30.66 15.97
CA PHE B 64 -15.97 -30.87 14.62
C PHE B 64 -16.49 -32.29 14.48
N SER B 65 -17.30 -32.49 13.46
CA SER B 65 -17.63 -33.83 13.04
C SER B 65 -17.37 -33.84 11.55
N ALA B 66 -16.58 -34.81 11.11
CA ALA B 66 -16.21 -34.90 9.72
C ALA B 66 -16.30 -36.34 9.26
N GLU B 67 -16.76 -36.52 8.03
CA GLU B 67 -16.83 -37.86 7.45
C GLU B 67 -16.72 -37.78 5.94
N CYS B 68 -16.23 -38.87 5.35
CA CYS B 68 -16.16 -38.99 3.90
C CYS B 68 -16.83 -40.30 3.48
N PRO B 69 -18.17 -40.31 3.43
CA PRO B 69 -18.95 -41.51 3.16
C PRO B 69 -18.77 -41.98 1.72
N SER B 70 -18.93 -43.27 1.49
CA SER B 70 -18.81 -43.81 0.13
C SER B 70 -19.84 -43.18 -0.76
N ASN B 71 -19.44 -42.79 -1.96
CA ASN B 71 -20.37 -42.16 -2.89
C ASN B 71 -21.29 -41.09 -2.29
N SER B 72 -20.74 -40.26 -1.40
CA SER B 72 -21.41 -39.05 -0.94
C SER B 72 -20.35 -37.98 -0.75
N PRO B 73 -20.76 -36.71 -0.65
CA PRO B 73 -19.73 -35.67 -0.46
C PRO B 73 -19.10 -35.77 0.91
N CYS B 74 -17.81 -35.42 1.02
CA CYS B 74 -17.19 -35.25 2.34
C CYS B 74 -17.86 -34.08 3.04
N SER B 75 -17.95 -34.15 4.35
CA SER B 75 -18.44 -33.00 5.10
C SER B 75 -17.61 -32.74 6.34
N LEU B 76 -17.68 -31.50 6.80
CA LEU B 76 -17.01 -31.05 8.02
C LEU B 76 -18.02 -30.18 8.72
N GLU B 77 -18.30 -30.47 9.99
CA GLU B 77 -19.35 -29.75 10.69
C GLU B 77 -18.86 -29.28 12.05
N ILE B 78 -19.03 -27.99 12.30
CA ILE B 78 -18.76 -27.43 13.61
C ILE B 78 -20.01 -27.64 14.45
N GLN B 79 -19.87 -28.37 15.56
CA GLN B 79 -21.01 -28.77 16.37
C GLN B 79 -21.67 -27.60 17.08
N SER B 80 -20.86 -26.68 17.60
CA SER B 80 -21.38 -25.51 18.28
C SER B 80 -20.50 -24.30 17.97
N SER B 81 -20.95 -23.52 16.99
CA SER B 81 -20.15 -22.43 16.42
C SER B 81 -19.82 -21.30 17.38
N GLU B 82 -18.57 -20.83 17.29
CA GLU B 82 -18.08 -19.71 18.08
C GLU B 82 -17.39 -18.70 17.17
N ALA B 83 -17.40 -17.45 17.60
CA ALA B 83 -16.78 -16.36 16.84
C ALA B 83 -15.42 -16.77 16.27
N GLY B 84 -14.61 -17.43 17.10
CA GLY B 84 -13.27 -17.81 16.70
C GLY B 84 -13.20 -18.84 15.59
N ASP B 85 -14.35 -19.39 15.20
CA ASP B 85 -14.39 -20.36 14.10
C ASP B 85 -14.48 -19.68 12.74
N SER B 86 -14.75 -18.38 12.75
CA SER B 86 -14.84 -17.66 11.49
C SER B 86 -13.52 -17.77 10.76
N ALA B 87 -13.55 -18.28 9.53
CA ALA B 87 -12.33 -18.49 8.76
C ALA B 87 -12.70 -18.92 7.35
N LEU B 88 -11.70 -19.13 6.50
CA LEU B 88 -11.93 -19.75 5.19
C LEU B 88 -11.57 -21.23 5.31
N TYR B 89 -12.56 -22.11 5.11
CA TYR B 89 -12.35 -23.55 5.22
C TYR B 89 -12.06 -24.11 3.83
N LEU B 90 -10.88 -24.69 3.67
CA LEU B 90 -10.40 -25.15 2.37
C LEU B 90 -10.30 -26.65 2.33
N CYS B 91 -10.82 -27.26 1.26
CA CYS B 91 -10.73 -28.69 1.03
C CYS B 91 -9.77 -28.92 -0.13
N ALA B 92 -8.81 -29.82 0.05
CA ALA B 92 -7.93 -30.20 -1.04
C ALA B 92 -7.95 -31.72 -1.22
N SER B 93 -7.95 -32.19 -2.47
CA SER B 93 -7.78 -33.62 -2.70
C SER B 93 -6.37 -33.95 -3.24
N SER B 94 -5.96 -35.21 -3.07
CA SER B 94 -4.60 -35.65 -3.36
C SER B 94 -4.62 -37.16 -3.55
N LEU B 95 -3.63 -37.69 -4.27
CA LEU B 95 -3.50 -39.14 -4.45
C LEU B 95 -3.13 -39.83 -3.15
N ASN B 96 -2.34 -39.15 -2.32
CA ASN B 96 -1.75 -39.79 -1.15
C ASN B 96 -1.80 -38.97 0.13
N ASN B 97 -1.43 -39.61 1.23
CA ASN B 97 -1.30 -38.95 2.52
C ASN B 97 -0.11 -38.00 2.52
N ALA B 98 0.86 -38.30 1.66
CA ALA B 98 2.06 -37.45 1.53
C ALA B 98 2.69 -37.65 0.16
N ASN B 99 3.57 -36.73 -0.23
CA ASN B 99 4.34 -36.85 -1.47
C ASN B 99 3.49 -36.76 -2.75
N SER B 100 2.33 -36.12 -2.66
CA SER B 100 1.50 -35.87 -3.84
C SER B 100 0.90 -34.46 -3.82
N ASP B 101 0.64 -33.91 -4.99
CA ASP B 101 0.20 -32.51 -5.06
C ASP B 101 -1.24 -32.33 -4.56
N TYR B 102 -1.57 -31.13 -4.12
CA TYR B 102 -2.91 -30.77 -3.68
C TYR B 102 -3.69 -30.06 -4.79
N THR B 103 -4.97 -30.36 -4.88
CA THR B 103 -5.88 -29.54 -5.68
C THR B 103 -6.98 -29.00 -4.76
N PHE B 104 -7.15 -27.67 -4.73
CA PHE B 104 -8.05 -27.03 -3.77
C PHE B 104 -9.41 -26.71 -4.38
N GLY B 105 -10.46 -26.76 -3.55
CA GLY B 105 -11.75 -26.20 -3.91
C GLY B 105 -11.79 -24.71 -3.64
N SER B 106 -12.94 -24.07 -3.87
CA SER B 106 -13.05 -22.62 -3.73
C SER B 106 -13.23 -22.19 -2.28
N GLY B 107 -13.38 -23.15 -1.38
CA GLY B 107 -13.49 -22.85 0.03
C GLY B 107 -14.90 -22.51 0.49
N THR B 108 -15.07 -22.57 1.80
CA THR B 108 -16.28 -22.07 2.45
C THR B 108 -15.87 -20.99 3.42
N ARG B 109 -16.27 -19.75 3.15
CA ARG B 109 -15.97 -18.65 4.09
C ARG B 109 -17.05 -18.59 5.15
N LEU B 110 -16.70 -18.98 6.37
CA LEU B 110 -17.65 -19.05 7.47
C LEU B 110 -17.52 -17.81 8.33
N LEU B 111 -18.64 -17.17 8.63
CA LEU B 111 -18.65 -16.10 9.62
C LEU B 111 -19.62 -16.49 10.74
N VAL B 112 -19.17 -16.42 11.98
CA VAL B 112 -20.02 -16.74 13.12
C VAL B 112 -20.24 -15.47 13.93
N ILE B 113 -21.51 -15.11 14.15
CA ILE B 113 -21.81 -13.85 14.82
C ILE B 113 -22.79 -14.07 15.97
N GLU B 114 -22.95 -13.04 16.78
CA GLU B 114 -23.83 -13.11 17.94
C GLU B 114 -25.31 -13.16 17.55
N ASP B 115 -25.75 -12.29 16.65
CA ASP B 115 -27.19 -12.17 16.36
C ASP B 115 -27.51 -12.09 14.87
N LEU B 116 -28.19 -13.12 14.36
CA LEU B 116 -28.62 -13.14 12.96
C LEU B 116 -29.56 -11.97 12.59
N LYS B 117 -29.99 -11.19 13.59
CA LYS B 117 -30.88 -10.06 13.34
C LYS B 117 -30.20 -8.96 12.53
N ASN B 118 -28.86 -9.01 12.47
CA ASN B 118 -28.12 -8.01 11.73
C ASN B 118 -27.93 -8.38 10.26
N VAL B 119 -28.41 -9.55 9.87
CA VAL B 119 -28.27 -10.00 8.48
C VAL B 119 -29.22 -9.25 7.52
N PHE B 120 -28.67 -8.69 6.45
CA PHE B 120 -29.46 -7.90 5.48
C PHE B 120 -29.03 -8.20 4.06
N PRO B 121 -30.00 -8.40 3.14
CA PRO B 121 -29.64 -8.59 1.75
C PRO B 121 -29.22 -7.25 1.14
N PRO B 122 -28.56 -7.26 -0.03
CA PRO B 122 -28.17 -6.00 -0.66
C PRO B 122 -29.31 -5.41 -1.47
N GLU B 123 -29.36 -4.07 -1.52
CA GLU B 123 -30.08 -3.40 -2.58
C GLU B 123 -29.10 -3.21 -3.72
N VAL B 124 -29.58 -3.33 -4.95
CA VAL B 124 -28.70 -3.20 -6.10
C VAL B 124 -29.21 -2.13 -7.08
N ALA B 125 -28.28 -1.38 -7.67
CA ALA B 125 -28.61 -0.34 -8.64
C ALA B 125 -27.57 -0.28 -9.77
N VAL B 126 -28.04 0.00 -10.98
CA VAL B 126 -27.16 0.22 -12.12
C VAL B 126 -27.23 1.68 -12.57
N PHE B 127 -26.06 2.30 -12.71
CA PHE B 127 -25.96 3.68 -13.13
C PHE B 127 -25.48 3.70 -14.55
N GLU B 128 -26.17 4.46 -15.40
CA GLU B 128 -25.93 4.44 -16.83
C GLU B 128 -24.74 5.32 -17.22
N PRO B 129 -24.06 4.96 -18.32
CA PRO B 129 -22.90 5.70 -18.81
C PRO B 129 -23.22 7.17 -19.01
N SER B 130 -22.25 8.01 -18.68
CA SER B 130 -22.36 9.45 -18.92
C SER B 130 -22.14 9.78 -20.39
N GLU B 131 -22.94 10.70 -20.92
CA GLU B 131 -22.78 11.13 -22.31
C GLU B 131 -21.41 11.78 -22.53
N ALA B 132 -20.92 12.48 -21.51
CA ALA B 132 -19.61 13.10 -21.59
C ALA B 132 -18.52 12.04 -21.83
N GLU B 133 -18.63 10.90 -21.14
CA GLU B 133 -17.65 9.85 -21.32
C GLU B 133 -17.70 9.31 -22.75
N ILE B 134 -18.92 9.14 -23.25
CA ILE B 134 -19.14 8.60 -24.59
C ILE B 134 -18.51 9.52 -25.64
N SER B 135 -18.74 10.82 -25.50
CA SER B 135 -18.18 11.80 -26.43
C SER B 135 -16.66 11.91 -26.30
N HIS B 136 -16.18 11.84 -25.07
CA HIS B 136 -14.75 12.02 -24.79
C HIS B 136 -13.88 10.82 -25.18
N THR B 137 -14.42 9.60 -25.07
CA THR B 137 -13.63 8.38 -25.23
C THR B 137 -14.19 7.35 -26.20
N GLN B 138 -15.43 7.54 -26.64
CA GLN B 138 -16.13 6.53 -27.43
C GLN B 138 -16.24 5.20 -26.68
N LYS B 139 -16.21 5.28 -25.35
CA LYS B 139 -16.50 4.12 -24.53
C LYS B 139 -17.57 4.51 -23.51
N ALA B 140 -18.18 3.50 -22.89
CA ALA B 140 -19.31 3.68 -22.02
C ALA B 140 -19.15 2.78 -20.81
N THR B 141 -18.99 3.39 -19.64
CA THR B 141 -18.89 2.64 -18.40
C THR B 141 -20.20 2.58 -17.61
N LEU B 142 -20.69 1.38 -17.37
CA LEU B 142 -21.82 1.17 -16.47
C LEU B 142 -21.26 0.89 -15.09
N VAL B 143 -21.94 1.42 -14.07
CA VAL B 143 -21.55 1.15 -12.69
C VAL B 143 -22.68 0.49 -11.93
N CYS B 144 -22.35 -0.59 -11.24
CA CYS B 144 -23.26 -1.27 -10.34
C CYS B 144 -22.88 -0.96 -8.88
N LEU B 145 -23.88 -0.64 -8.08
CA LEU B 145 -23.67 -0.50 -6.65
C LEU B 145 -24.57 -1.47 -5.91
N ALA B 146 -23.96 -2.31 -5.08
CA ALA B 146 -24.70 -3.12 -4.12
C ALA B 146 -24.47 -2.50 -2.74
N THR B 147 -25.55 -2.28 -2.00
CA THR B 147 -25.45 -1.51 -0.77
C THR B 147 -26.33 -2.08 0.35
N GLY B 148 -25.98 -1.74 1.59
CA GLY B 148 -26.76 -2.10 2.75
C GLY B 148 -26.73 -3.57 3.16
N PHE B 149 -25.75 -4.33 2.69
CA PHE B 149 -25.73 -5.77 3.00
C PHE B 149 -24.86 -6.18 4.17
N TYR B 150 -25.18 -7.33 4.75
CA TYR B 150 -24.44 -7.88 5.87
C TYR B 150 -24.86 -9.33 6.07
N PRO B 151 -23.87 -10.24 6.20
CA PRO B 151 -22.43 -9.94 6.21
C PRO B 151 -21.91 -9.70 4.79
N ASP B 152 -20.61 -9.47 4.65
CA ASP B 152 -20.02 -9.17 3.34
C ASP B 152 -19.84 -10.44 2.51
N HIS B 153 -20.93 -11.18 2.34
CA HIS B 153 -20.93 -12.47 1.64
C HIS B 153 -21.72 -12.41 0.35
N VAL B 154 -21.12 -11.83 -0.69
CA VAL B 154 -21.80 -11.67 -1.98
C VAL B 154 -20.86 -12.02 -3.13
N GLU B 155 -21.46 -12.43 -4.24
CA GLU B 155 -20.74 -12.63 -5.49
C GLU B 155 -21.45 -11.82 -6.57
N LEU B 156 -20.72 -10.92 -7.20
CA LEU B 156 -21.30 -9.99 -8.15
C LEU B 156 -20.87 -10.40 -9.54
N SER B 157 -21.80 -10.38 -10.49
CA SER B 157 -21.49 -10.72 -11.88
C SER B 157 -22.30 -9.84 -12.82
N TRP B 158 -21.80 -9.69 -14.05
CA TRP B 158 -22.50 -8.97 -15.09
C TRP B 158 -22.98 -9.93 -16.14
N TRP B 159 -24.20 -9.70 -16.61
CA TRP B 159 -24.82 -10.50 -17.64
C TRP B 159 -25.27 -9.58 -18.76
N VAL B 160 -24.71 -9.81 -19.94
CA VAL B 160 -25.10 -9.07 -21.12
C VAL B 160 -25.88 -10.02 -22.01
N ASN B 161 -27.11 -9.64 -22.34
CA ASN B 161 -27.98 -10.46 -23.19
C ASN B 161 -28.08 -11.88 -22.66
N GLY B 162 -28.24 -12.00 -21.33
CA GLY B 162 -28.44 -13.29 -20.69
C GLY B 162 -27.22 -14.18 -20.60
N LYS B 163 -26.05 -13.63 -20.94
CA LYS B 163 -24.78 -14.35 -20.85
C LYS B 163 -23.81 -13.59 -19.92
N GLU B 164 -23.25 -14.29 -18.93
CA GLU B 164 -22.23 -13.66 -18.08
C GLU B 164 -21.00 -13.20 -18.85
N VAL B 165 -20.51 -12.01 -18.55
CA VAL B 165 -19.33 -11.48 -19.22
C VAL B 165 -18.22 -11.26 -18.23
N HIS B 166 -16.99 -11.31 -18.71
CA HIS B 166 -15.82 -11.05 -17.88
C HIS B 166 -14.96 -9.93 -18.45
N SER B 167 -14.87 -9.87 -19.78
CA SER B 167 -14.14 -8.80 -20.42
C SER B 167 -14.76 -7.44 -20.06
N GLY B 168 -13.91 -6.46 -19.78
CA GLY B 168 -14.35 -5.10 -19.52
C GLY B 168 -14.91 -4.87 -18.12
N VAL B 169 -14.76 -5.85 -17.25
CA VAL B 169 -15.31 -5.83 -15.91
C VAL B 169 -14.25 -5.64 -14.82
N CYS B 170 -14.57 -4.84 -13.80
CA CYS B 170 -13.75 -4.83 -12.59
C CYS B 170 -14.62 -4.58 -11.38
N THR B 171 -14.53 -5.49 -10.41
CA THR B 171 -15.30 -5.40 -9.17
C THR B 171 -14.36 -5.15 -7.99
N ASP B 172 -14.76 -4.30 -7.03
CA ASP B 172 -13.90 -4.02 -5.89
C ASP B 172 -13.42 -5.32 -5.24
N PRO B 173 -12.12 -5.41 -4.95
CA PRO B 173 -11.56 -6.63 -4.34
C PRO B 173 -12.30 -6.96 -3.05
N GLN B 174 -12.63 -5.93 -2.29
CA GLN B 174 -13.33 -6.10 -1.01
C GLN B 174 -14.44 -5.06 -0.86
N PRO B 175 -15.60 -5.52 -0.34
CA PRO B 175 -16.69 -4.58 -0.07
C PRO B 175 -16.29 -3.62 1.03
N LEU B 176 -16.73 -2.37 0.97
CA LEU B 176 -16.39 -1.38 1.99
C LEU B 176 -17.46 -1.22 3.07
N LYS B 177 -17.04 -0.80 4.26
CA LYS B 177 -17.96 -0.58 5.37
C LYS B 177 -18.67 0.75 5.22
N GLU B 178 -20.00 0.73 5.30
CA GLU B 178 -20.78 1.96 5.21
C GLU B 178 -20.66 2.79 6.49
N GLN B 179 -20.16 2.16 7.55
CA GLN B 179 -19.83 2.85 8.79
C GLN B 179 -18.60 2.23 9.43
N PRO B 180 -17.41 2.58 8.92
CA PRO B 180 -16.12 1.94 9.23
C PRO B 180 -15.85 1.71 10.71
N ALA B 181 -16.00 2.75 11.53
CA ALA B 181 -15.69 2.63 12.96
C ALA B 181 -16.91 2.12 13.71
N LEU B 182 -17.47 1.02 13.23
CA LEU B 182 -18.65 0.42 13.85
C LEU B 182 -18.75 -1.07 13.52
N ASN B 183 -18.81 -1.90 14.54
CA ASN B 183 -19.00 -3.33 14.34
C ASN B 183 -20.43 -3.57 13.88
N ASP B 184 -20.61 -4.61 13.08
CA ASP B 184 -21.93 -4.93 12.52
C ASP B 184 -22.31 -3.97 11.40
N SER B 185 -21.40 -3.07 11.02
CA SER B 185 -21.67 -2.14 9.92
C SER B 185 -22.07 -2.92 8.68
N ARG B 186 -23.06 -2.41 7.96
CA ARG B 186 -23.41 -2.98 6.68
C ARG B 186 -22.39 -2.57 5.63
N TYR B 187 -22.45 -3.19 4.46
CA TYR B 187 -21.41 -3.05 3.45
C TYR B 187 -21.94 -2.57 2.13
N ALA B 188 -21.03 -2.09 1.29
CA ALA B 188 -21.33 -1.70 -0.07
C ALA B 188 -20.22 -2.22 -0.97
N LEU B 189 -20.57 -2.45 -2.23
CA LEU B 189 -19.62 -2.93 -3.23
C LEU B 189 -19.96 -2.29 -4.57
N SER B 190 -18.94 -1.83 -5.30
CA SER B 190 -19.19 -1.31 -6.64
C SER B 190 -18.49 -2.17 -7.69
N SER B 191 -19.00 -2.12 -8.91
CA SER B 191 -18.35 -2.79 -10.02
C SER B 191 -18.55 -1.96 -11.28
N ARG B 192 -17.61 -2.05 -12.21
CA ARG B 192 -17.79 -1.41 -13.50
C ARG B 192 -17.77 -2.44 -14.63
N LEU B 193 -18.53 -2.16 -15.66
CA LEU B 193 -18.53 -2.90 -16.92
C LEU B 193 -18.42 -1.87 -18.01
N ARG B 194 -17.33 -1.93 -18.77
CA ARG B 194 -17.09 -0.93 -19.81
C ARG B 194 -17.23 -1.55 -21.19
N VAL B 195 -17.98 -0.89 -22.07
CA VAL B 195 -18.19 -1.39 -23.43
C VAL B 195 -17.93 -0.25 -24.40
N SER B 196 -17.90 -0.55 -25.70
CA SER B 196 -17.79 0.52 -26.68
C SER B 196 -19.08 1.33 -26.66
N ALA B 197 -18.98 2.60 -27.04
CA ALA B 197 -20.16 3.46 -27.10
C ALA B 197 -21.25 2.84 -27.98
N THR B 198 -20.84 2.32 -29.13
CA THR B 198 -21.82 1.79 -30.09
C THR B 198 -22.56 0.61 -29.49
N PHE B 199 -21.88 -0.15 -28.64
CA PHE B 199 -22.52 -1.30 -28.02
C PHE B 199 -23.53 -0.83 -26.99
N TRP B 200 -23.23 0.25 -26.30
CA TRP B 200 -24.14 0.79 -25.30
C TRP B 200 -25.34 1.45 -26.00
N GLN B 201 -25.09 2.03 -27.17
CA GLN B 201 -26.11 2.80 -27.89
C GLN B 201 -27.09 1.91 -28.65
N ASN B 202 -26.92 0.61 -28.57
CA ASN B 202 -27.82 -0.34 -29.22
C ASN B 202 -28.94 -0.76 -28.28
N PRO B 203 -30.17 -0.28 -28.54
CA PRO B 203 -31.27 -0.54 -27.60
C PRO B 203 -31.62 -2.02 -27.50
N ARG B 204 -31.07 -2.85 -28.38
CA ARG B 204 -31.32 -4.28 -28.32
C ARG B 204 -30.41 -4.96 -27.30
N ASN B 205 -29.38 -4.25 -26.86
CA ASN B 205 -28.47 -4.79 -25.87
C ASN B 205 -28.98 -4.61 -24.44
N HIS B 206 -28.81 -5.63 -23.63
CA HIS B 206 -29.33 -5.60 -22.27
C HIS B 206 -28.23 -5.89 -21.26
N PHE B 207 -28.19 -5.08 -20.20
CA PHE B 207 -27.14 -5.20 -19.18
C PHE B 207 -27.73 -5.42 -17.80
N ARG B 208 -27.23 -6.43 -17.09
CA ARG B 208 -27.73 -6.75 -15.76
C ARG B 208 -26.58 -7.00 -14.81
N CYS B 209 -26.62 -6.34 -13.66
CA CYS B 209 -25.67 -6.59 -12.58
C CYS B 209 -26.37 -7.52 -11.63
N GLN B 210 -25.78 -8.69 -11.43
CA GLN B 210 -26.34 -9.70 -10.54
C GLN B 210 -25.54 -9.84 -9.26
N VAL B 211 -26.21 -9.79 -8.13
CA VAL B 211 -25.56 -10.03 -6.87
C VAL B 211 -26.17 -11.25 -6.15
N GLN B 212 -25.38 -12.31 -6.06
CA GLN B 212 -25.73 -13.45 -5.23
C GLN B 212 -25.36 -13.15 -3.77
N PHE B 213 -26.37 -13.07 -2.92
CA PHE B 213 -26.17 -12.89 -1.49
C PHE B 213 -26.32 -14.21 -0.76
N TYR B 214 -25.45 -14.44 0.21
CA TYR B 214 -25.50 -15.62 1.06
C TYR B 214 -25.96 -15.20 2.44
N GLY B 215 -27.10 -15.72 2.86
CA GLY B 215 -27.72 -15.31 4.11
C GLY B 215 -28.35 -16.48 4.84
N LEU B 216 -29.57 -16.32 5.33
CA LEU B 216 -30.25 -17.40 6.06
C LEU B 216 -30.81 -18.45 5.12
N SER B 217 -31.11 -19.64 5.65
CA SER B 217 -31.78 -20.67 4.87
C SER B 217 -33.22 -20.83 5.34
N GLU B 218 -33.91 -21.82 4.76
CA GLU B 218 -35.30 -22.09 5.14
C GLU B 218 -35.42 -22.56 6.59
N ASN B 219 -34.53 -23.45 7.01
CA ASN B 219 -34.58 -24.00 8.37
C ASN B 219 -34.33 -22.96 9.45
N ASP B 220 -33.69 -21.85 9.07
CA ASP B 220 -33.44 -20.77 10.02
C ASP B 220 -34.75 -20.12 10.44
N GLU B 221 -34.87 -19.85 11.74
CA GLU B 221 -36.05 -19.18 12.26
C GLU B 221 -35.99 -17.69 11.99
N TRP B 222 -37.16 -17.06 11.91
CA TRP B 222 -37.22 -15.63 11.70
C TRP B 222 -38.55 -15.08 12.23
N THR B 223 -38.46 -14.24 13.26
CA THR B 223 -39.64 -13.66 13.88
C THR B 223 -39.62 -12.13 13.76
N GLN B 224 -38.78 -11.63 12.86
CA GLN B 224 -38.70 -10.20 12.63
C GLN B 224 -39.82 -9.77 11.70
N ASP B 225 -40.15 -8.49 11.75
CA ASP B 225 -41.16 -7.95 10.86
C ASP B 225 -40.65 -7.95 9.42
N ARG B 226 -39.43 -7.49 9.20
CA ARG B 226 -38.88 -7.43 7.84
C ARG B 226 -38.78 -8.81 7.19
N ALA B 227 -38.68 -8.84 5.86
CA ALA B 227 -38.56 -10.10 5.13
C ALA B 227 -37.34 -10.89 5.61
N LYS B 228 -37.50 -12.20 5.69
CA LYS B 228 -36.42 -13.08 6.12
C LYS B 228 -35.21 -12.91 5.20
N PRO B 229 -34.05 -12.51 5.76
CA PRO B 229 -32.88 -12.25 4.90
C PRO B 229 -32.23 -13.55 4.42
N VAL B 230 -32.90 -14.25 3.52
CA VAL B 230 -32.43 -15.52 3.00
C VAL B 230 -31.38 -15.33 1.90
N THR B 231 -30.58 -16.38 1.68
CA THR B 231 -29.73 -16.47 0.52
C THR B 231 -30.61 -16.21 -0.70
N GLN B 232 -30.15 -15.36 -1.61
CA GLN B 232 -30.99 -14.89 -2.69
C GLN B 232 -30.17 -14.08 -3.67
N ILE B 233 -30.71 -13.95 -4.88
CA ILE B 233 -30.10 -13.08 -5.89
C ILE B 233 -30.88 -11.77 -5.95
N VAL B 234 -30.17 -10.65 -5.95
CA VAL B 234 -30.79 -9.35 -6.20
C VAL B 234 -30.07 -8.72 -7.39
N SER B 235 -30.84 -8.24 -8.37
CA SER B 235 -30.27 -7.72 -9.60
C SER B 235 -30.79 -6.33 -9.93
N ALA B 236 -30.06 -5.63 -10.79
CA ALA B 236 -30.57 -4.40 -11.36
C ALA B 236 -30.06 -4.39 -12.80
N GLU B 237 -30.74 -3.64 -13.66
CA GLU B 237 -30.46 -3.79 -15.09
C GLU B 237 -30.75 -2.52 -15.84
N ALA B 238 -30.29 -2.48 -17.08
CA ALA B 238 -30.54 -1.38 -17.99
C ALA B 238 -30.43 -1.87 -19.45
N TRP B 239 -31.28 -1.32 -20.30
CA TRP B 239 -31.20 -1.53 -21.74
C TRP B 239 -30.34 -0.45 -22.35
N GLY B 240 -29.70 -0.76 -23.48
CA GLY B 240 -28.97 0.24 -24.23
C GLY B 240 -29.85 1.41 -24.65
N ARG B 241 -29.23 2.57 -24.87
CA ARG B 241 -29.99 3.79 -25.18
C ARG B 241 -29.40 4.52 -26.40
N ALA B 242 -30.28 5.00 -27.28
CA ALA B 242 -29.87 5.77 -28.44
C ALA B 242 -29.36 7.15 -28.07
N ASP B 243 -28.79 7.85 -29.05
CA ASP B 243 -28.20 9.18 -28.86
C ASP B 243 -29.17 10.21 -28.29
N ASP C 4 13.16 8.61 -22.43
CA ASP C 4 13.21 9.76 -21.53
C ASP C 4 13.58 9.32 -20.11
N GLN C 5 12.96 8.23 -19.69
CA GLN C 5 13.32 7.54 -18.47
C GLN C 5 13.72 6.13 -18.85
N VAL C 6 14.34 5.43 -17.89
CA VAL C 6 14.76 4.05 -18.06
C VAL C 6 13.78 3.16 -17.31
N GLU C 7 13.37 2.04 -17.92
CA GLU C 7 12.48 1.10 -17.25
C GLU C 7 13.16 0.42 -16.06
N GLN C 8 12.59 0.59 -14.88
CA GLN C 8 13.14 0.02 -13.66
C GLN C 8 12.08 -0.87 -13.03
N SER C 9 12.46 -2.08 -12.64
CA SER C 9 11.52 -3.02 -12.02
C SER C 9 12.12 -3.56 -10.73
N PRO C 10 11.25 -3.90 -9.76
CA PRO C 10 9.80 -3.67 -9.82
C PRO C 10 9.49 -2.23 -9.49
N SER C 11 8.21 -1.86 -9.58
CA SER C 11 7.80 -0.52 -9.18
C SER C 11 7.93 -0.36 -7.67
N ALA C 12 7.51 -1.38 -6.93
CA ALA C 12 7.52 -1.32 -5.48
C ALA C 12 7.64 -2.72 -4.93
N LEU C 13 8.15 -2.82 -3.71
CA LEU C 13 8.54 -4.09 -3.10
C LEU C 13 8.52 -3.92 -1.58
N SER C 14 8.02 -4.93 -0.88
CA SER C 14 8.14 -5.03 0.57
C SER C 14 8.88 -6.32 0.92
N LEU C 15 9.96 -6.21 1.68
CA LEU C 15 10.76 -7.36 2.09
C LEU C 15 10.71 -7.47 3.60
N HIS C 16 10.54 -8.68 4.11
CA HIS C 16 10.78 -8.88 5.51
C HIS C 16 12.28 -8.80 5.76
N GLU C 17 12.62 -8.27 6.92
CA GLU C 17 13.99 -8.09 7.36
C GLU C 17 14.72 -9.42 7.20
N GLY C 18 15.92 -9.38 6.63
CA GLY C 18 16.74 -10.58 6.53
C GLY C 18 16.54 -11.34 5.23
N THR C 19 15.63 -10.89 4.37
CA THR C 19 15.45 -11.50 3.06
C THR C 19 16.09 -10.62 1.99
N GLY C 20 16.01 -11.04 0.75
CA GLY C 20 16.70 -10.35 -0.33
C GLY C 20 15.88 -10.22 -1.59
N SER C 21 16.37 -9.42 -2.53
CA SER C 21 15.72 -9.27 -3.81
C SER C 21 16.65 -8.56 -4.80
N ALA C 22 16.25 -8.54 -6.05
CA ALA C 22 17.02 -7.93 -7.13
C ALA C 22 16.18 -6.85 -7.77
N LEU C 23 16.75 -5.65 -7.86
CA LEU C 23 16.17 -4.58 -8.64
C LEU C 23 16.79 -4.63 -10.02
N ARG C 24 16.07 -4.20 -11.05
CA ARG C 24 16.58 -4.27 -12.42
C ARG C 24 16.32 -2.99 -13.20
N CYS C 25 17.27 -2.62 -14.06
CA CYS C 25 17.06 -1.56 -15.03
C CYS C 25 17.31 -2.09 -16.43
N ASN C 26 16.30 -1.93 -17.29
CA ASN C 26 16.38 -2.37 -18.68
C ASN C 26 16.58 -1.18 -19.61
N PHE C 27 17.63 -1.23 -20.42
CA PHE C 27 17.94 -0.14 -21.33
C PHE C 27 17.52 -0.45 -22.76
N THR C 28 17.20 0.59 -23.52
CA THR C 28 16.81 0.41 -24.91
C THR C 28 17.89 0.94 -25.85
N THR C 29 19.07 1.21 -25.30
CA THR C 29 20.22 1.60 -26.11
C THR C 29 21.48 1.22 -25.37
N THR C 30 22.62 1.45 -26.01
CA THR C 30 23.92 1.11 -25.43
C THR C 30 24.31 2.13 -24.38
N MET C 31 24.54 1.64 -23.16
CA MET C 31 24.94 2.52 -22.07
C MET C 31 26.41 2.37 -21.73
N ARG C 32 27.02 3.50 -21.42
CA ARG C 32 28.43 3.61 -21.08
C ARG C 32 28.70 3.22 -19.63
N ALA C 33 27.77 3.57 -18.76
CA ALA C 33 27.96 3.34 -17.33
C ALA C 33 26.62 3.48 -16.61
N VAL C 34 26.51 2.90 -15.41
CA VAL C 34 25.27 2.96 -14.63
C VAL C 34 25.59 3.42 -13.23
N GLN C 35 24.73 4.25 -12.65
CA GLN C 35 24.88 4.61 -11.24
C GLN C 35 23.61 4.19 -10.49
N TRP C 36 23.75 3.67 -9.27
CA TRP C 36 22.59 3.37 -8.43
C TRP C 36 22.60 4.27 -7.20
N PHE C 37 21.44 4.87 -6.92
CA PHE C 37 21.23 5.70 -5.73
C PHE C 37 20.10 5.13 -4.92
N ARG C 38 20.04 5.55 -3.66
CA ARG C 38 18.91 5.24 -2.79
C ARG C 38 18.57 6.53 -2.02
N LYS C 39 17.29 6.83 -1.85
CA LYS C 39 16.85 7.93 -1.01
C LYS C 39 15.93 7.44 0.08
N ASN C 40 16.29 7.70 1.34
CA ASN C 40 15.41 7.39 2.48
C ASN C 40 13.97 7.83 2.22
N ARG C 42 11.95 14.03 3.51
CA ARG C 42 12.72 12.86 3.09
C ARG C 42 14.23 13.11 3.14
N GLY C 43 15.00 12.02 3.18
CA GLY C 43 16.45 12.09 3.26
C GLY C 43 17.08 12.42 1.91
N SER C 44 18.39 12.27 1.79
CA SER C 44 19.03 12.63 0.53
C SER C 44 19.35 11.40 -0.33
N LEU C 45 19.77 11.66 -1.57
CA LEU C 45 20.16 10.63 -2.52
C LEU C 45 21.58 10.18 -2.28
N ILE C 46 21.73 8.97 -1.75
CA ILE C 46 23.05 8.42 -1.46
C ILE C 46 23.55 7.48 -2.56
N ASN C 47 24.79 7.68 -2.98
CA ASN C 47 25.39 6.88 -4.04
C ASN C 47 25.63 5.47 -3.58
N LEU C 48 25.11 4.50 -4.32
CA LEU C 48 25.41 3.12 -3.93
C LEU C 48 26.55 2.56 -4.77
N PHE C 49 26.44 2.69 -6.08
CA PHE C 49 27.43 2.11 -6.98
C PHE C 49 27.58 2.95 -8.25
N TYR C 50 28.75 2.86 -8.86
CA TYR C 50 28.99 3.40 -10.18
C TYR C 50 29.85 2.43 -10.94
N LEU C 51 29.37 1.93 -12.07
CA LEU C 51 30.20 0.98 -12.81
C LEU C 51 29.99 1.00 -14.32
N ALA C 52 31.03 0.61 -15.03
CA ALA C 52 31.00 0.59 -16.48
C ALA C 52 30.81 -0.83 -17.00
N SER C 53 31.03 -1.81 -16.12
CA SER C 53 31.05 -3.20 -16.57
C SER C 53 31.16 -4.14 -15.38
N GLY C 54 30.98 -5.43 -15.64
CA GLY C 54 31.15 -6.45 -14.64
C GLY C 54 30.24 -6.23 -13.45
N THR C 55 30.77 -6.44 -12.26
CA THR C 55 29.99 -6.29 -11.05
C THR C 55 30.82 -5.61 -9.97
N LYS C 56 30.12 -5.09 -8.98
CA LYS C 56 30.71 -4.55 -7.78
C LYS C 56 29.86 -4.97 -6.59
N GLU C 57 30.49 -5.12 -5.43
CA GLU C 57 29.82 -5.61 -4.25
C GLU C 57 30.32 -4.84 -3.04
N ASN C 58 29.40 -4.33 -2.23
CA ASN C 58 29.79 -3.68 -0.97
C ASN C 58 28.79 -3.85 0.16
N GLY C 59 29.18 -4.67 1.14
CA GLY C 59 28.31 -5.01 2.23
C GLY C 59 27.20 -5.90 1.71
N ARG C 60 25.97 -5.52 1.99
CA ARG C 60 24.83 -6.37 1.65
C ARG C 60 24.30 -6.12 0.23
N LEU C 61 24.92 -5.20 -0.50
CA LEU C 61 24.48 -4.88 -1.86
C LEU C 61 25.49 -5.30 -2.92
N LYS C 62 24.97 -5.72 -4.07
CA LYS C 62 25.79 -6.08 -5.21
C LYS C 62 25.17 -5.54 -6.48
N SER C 63 25.99 -5.03 -7.40
CA SER C 63 25.44 -4.54 -8.66
C SER C 63 26.15 -5.14 -9.87
N ALA C 64 25.40 -5.40 -10.92
CA ALA C 64 26.00 -5.88 -12.16
C ALA C 64 25.53 -5.01 -13.29
N PHE C 65 26.35 -4.88 -14.31
CA PHE C 65 25.97 -4.09 -15.48
C PHE C 65 26.59 -4.73 -16.71
N ASP C 66 25.74 -5.02 -17.70
CA ASP C 66 26.17 -5.61 -18.96
C ASP C 66 25.68 -4.69 -20.07
N SER C 67 26.59 -3.86 -20.60
CA SER C 67 26.18 -2.85 -21.59
C SER C 67 25.59 -3.54 -22.79
N LYS C 68 26.22 -4.63 -23.18
CA LYS C 68 25.81 -5.36 -24.36
C LYS C 68 24.40 -5.92 -24.21
N GLU C 69 24.14 -6.56 -23.08
CA GLU C 69 22.82 -7.10 -22.78
C GLU C 69 21.76 -6.04 -22.37
N ARG C 70 22.18 -4.79 -22.19
CA ARG C 70 21.24 -3.69 -21.96
C ARG C 70 20.43 -3.81 -20.67
N TYR C 71 21.08 -4.23 -19.60
CA TYR C 71 20.45 -4.25 -18.29
C TYR C 71 21.47 -4.01 -17.20
N SER C 72 20.97 -3.57 -16.05
CA SER C 72 21.78 -3.55 -14.84
C SER C 72 20.91 -4.05 -13.70
N THR C 73 21.49 -4.78 -12.77
CA THR C 73 20.79 -5.21 -11.57
C THR C 73 21.44 -4.68 -10.30
N LEU C 74 20.64 -4.62 -9.24
CA LEU C 74 21.13 -4.32 -7.90
C LEU C 74 20.48 -5.32 -6.94
N HIS C 75 21.31 -6.13 -6.29
CA HIS C 75 20.84 -7.14 -5.35
C HIS C 75 20.98 -6.67 -3.92
N ILE C 76 19.91 -6.82 -3.15
CA ILE C 76 19.98 -6.59 -1.71
C ILE C 76 19.85 -7.93 -1.02
N ARG C 77 20.74 -8.23 -0.09
CA ARG C 77 20.60 -9.44 0.71
C ARG C 77 20.50 -9.05 2.18
N ASP C 78 20.01 -9.96 3.01
CA ASP C 78 19.86 -9.70 4.44
C ASP C 78 19.29 -8.31 4.75
N ALA C 79 18.17 -7.98 4.11
CA ALA C 79 17.59 -6.65 4.21
C ALA C 79 17.48 -6.13 5.63
N GLN C 80 17.81 -4.86 5.81
CA GLN C 80 17.73 -4.21 7.12
C GLN C 80 16.81 -3.01 7.02
N LEU C 81 16.29 -2.57 8.16
CA LEU C 81 15.39 -1.44 8.20
C LEU C 81 15.96 -0.22 7.44
N GLU C 82 17.26 0.03 7.63
CA GLU C 82 17.92 1.19 7.01
C GLU C 82 17.98 1.10 5.48
N ASP C 83 17.70 -0.07 4.92
CA ASP C 83 17.68 -0.21 3.47
C ASP C 83 16.42 0.37 2.84
N SER C 84 15.43 0.69 3.66
CA SER C 84 14.16 1.22 3.15
C SER C 84 14.38 2.56 2.48
N GLY C 85 13.65 2.78 1.39
CA GLY C 85 13.80 4.02 0.63
C GLY C 85 13.49 3.78 -0.82
N THR C 86 13.72 4.80 -1.65
CA THR C 86 13.47 4.65 -3.07
C THR C 86 14.79 4.55 -3.81
N TYR C 87 14.88 3.56 -4.69
CA TYR C 87 16.13 3.24 -5.38
C TYR C 87 16.06 3.71 -6.82
N PHE C 88 17.13 4.36 -7.28
CA PHE C 88 17.17 4.88 -8.63
C PHE C 88 18.40 4.37 -9.37
N CYS C 89 18.23 3.99 -10.63
CA CYS C 89 19.41 3.79 -11.48
C CYS C 89 19.49 4.98 -12.42
N ALA C 90 20.71 5.35 -12.82
CA ALA C 90 20.93 6.44 -13.79
C ALA C 90 21.98 5.92 -14.76
N ALA C 91 21.71 6.04 -16.04
CA ALA C 91 22.61 5.47 -17.06
C ALA C 91 23.00 6.51 -18.09
N GLU C 92 24.25 6.44 -18.55
CA GLU C 92 24.76 7.41 -19.51
C GLU C 92 24.76 6.77 -20.89
N ALA C 93 23.91 7.29 -21.78
CA ALA C 93 23.77 6.74 -23.13
C ALA C 93 25.01 7.02 -23.94
N SER C 94 25.56 6.02 -24.60
CA SER C 94 26.79 6.18 -25.38
C SER C 94 26.59 7.06 -26.61
N ASN C 95 25.38 7.06 -27.17
CA ASN C 95 25.11 7.84 -28.38
C ASN C 95 24.79 9.32 -28.13
N THR C 96 24.39 9.66 -26.90
CA THR C 96 24.04 11.05 -26.58
C THR C 96 24.93 11.65 -25.48
N ASN C 97 25.65 10.80 -24.75
CA ASN C 97 26.45 11.25 -23.62
C ASN C 97 25.58 11.80 -22.48
N LYS C 98 24.27 11.66 -22.61
CA LYS C 98 23.38 12.18 -21.56
C LYS C 98 23.02 11.12 -20.51
N VAL C 99 22.88 11.56 -19.27
CA VAL C 99 22.40 10.69 -18.21
C VAL C 99 20.88 10.68 -18.13
N VAL C 100 20.30 9.48 -18.12
CA VAL C 100 18.86 9.28 -17.97
C VAL C 100 18.56 8.46 -16.72
N PHE C 101 17.46 8.78 -16.02
CA PHE C 101 17.16 8.16 -14.72
C PHE C 101 16.04 7.13 -14.81
N GLY C 102 16.12 6.06 -14.01
CA GLY C 102 15.05 5.09 -13.94
C GLY C 102 13.77 5.62 -13.31
N THR C 103 12.68 4.87 -13.46
CA THR C 103 11.40 5.27 -12.90
C THR C 103 11.39 5.21 -11.36
N GLY C 104 12.29 4.42 -10.77
CA GLY C 104 12.42 4.30 -9.32
C GLY C 104 11.76 3.05 -8.73
N THR C 105 12.32 2.52 -7.64
CA THR C 105 11.72 1.37 -6.93
C THR C 105 11.57 1.73 -5.47
N ARG C 106 10.33 1.75 -4.99
CA ARG C 106 10.09 2.00 -3.58
C ARG C 106 10.13 0.71 -2.78
N LEU C 107 11.10 0.63 -1.90
CA LEU C 107 11.32 -0.56 -1.10
C LEU C 107 10.97 -0.28 0.35
N GLN C 108 10.13 -1.13 0.91
CA GLN C 108 9.78 -1.06 2.34
C GLN C 108 10.35 -2.33 3.00
N VAL C 109 11.12 -2.16 4.07
CA VAL C 109 11.59 -3.33 4.81
C VAL C 109 10.76 -3.46 6.09
N LEU C 110 10.17 -4.64 6.28
CA LEU C 110 9.29 -4.91 7.41
C LEU C 110 10.07 -5.59 8.53
N PRO C 111 10.01 -5.01 9.75
CA PRO C 111 10.72 -5.60 10.87
C PRO C 111 10.16 -6.98 11.21
N ASN C 112 10.98 -7.86 11.74
CA ASN C 112 10.46 -9.12 12.23
C ASN C 112 10.17 -9.00 13.74
N ILE C 113 8.89 -8.86 14.08
CA ILE C 113 8.48 -8.65 15.46
C ILE C 113 8.50 -10.00 16.18
N GLN C 114 9.49 -10.19 17.04
CA GLN C 114 9.72 -11.47 17.71
C GLN C 114 8.55 -11.82 18.61
N ASN C 115 8.21 -10.91 19.52
CA ASN C 115 7.10 -11.16 20.42
C ASN C 115 6.08 -10.03 20.46
N PRO C 116 5.09 -10.07 19.55
CA PRO C 116 4.10 -9.00 19.46
C PRO C 116 3.36 -8.83 20.78
N ASP C 117 3.09 -7.58 21.15
CA ASP C 117 2.40 -7.30 22.39
C ASP C 117 1.42 -6.14 22.16
N PRO C 118 0.49 -6.29 21.21
CA PRO C 118 -0.38 -5.19 20.77
C PRO C 118 -1.16 -4.56 21.92
N ALA C 119 -1.15 -3.23 21.95
CA ALA C 119 -1.73 -2.48 23.04
C ALA C 119 -2.07 -1.06 22.54
N VAL C 120 -3.09 -0.46 23.15
CA VAL C 120 -3.36 0.96 22.94
C VAL C 120 -3.25 1.68 24.28
N TYR C 121 -2.36 2.67 24.34
CA TYR C 121 -2.13 3.42 25.57
C TYR C 121 -2.55 4.86 25.40
N GLN C 122 -2.96 5.49 26.50
CA GLN C 122 -3.24 6.92 26.49
C GLN C 122 -2.09 7.70 27.10
N LEU C 123 -1.61 8.73 26.40
CA LEU C 123 -0.48 9.54 26.88
C LEU C 123 -0.89 11.00 27.10
N ARG C 124 -0.55 11.58 28.26
CA ARG C 124 -0.98 12.95 28.57
C ARG C 124 0.09 13.97 28.24
N ASP C 125 -0.35 15.15 27.81
CA ASP C 125 0.54 16.27 27.53
C ASP C 125 1.48 16.54 28.72
N SER C 126 2.77 16.73 28.41
CA SER C 126 3.76 17.06 29.43
C SER C 126 3.37 18.34 30.16
N LYS C 127 2.64 19.21 29.47
CA LYS C 127 2.22 20.48 30.07
C LYS C 127 0.70 20.61 30.24
N ASP C 130 -4.78 18.36 29.96
CA ASP C 130 -6.07 18.07 29.36
C ASP C 130 -6.00 17.59 27.91
N LYS C 131 -4.86 17.76 27.25
CA LYS C 131 -4.70 17.12 25.94
C LYS C 131 -4.06 15.75 26.11
N SER C 132 -4.28 14.87 25.15
CA SER C 132 -3.63 13.58 25.17
C SER C 132 -3.64 12.98 23.78
N VAL C 133 -2.89 11.90 23.61
CA VAL C 133 -2.93 11.14 22.37
C VAL C 133 -3.10 9.67 22.68
N CYS C 134 -3.43 8.89 21.66
CA CYS C 134 -3.58 7.45 21.80
C CYS C 134 -2.45 6.78 21.04
N LEU C 135 -1.80 5.81 21.69
CA LEU C 135 -0.64 5.13 21.07
C LEU C 135 -0.92 3.65 20.86
N PHE C 136 -1.07 3.26 19.60
CA PHE C 136 -1.23 1.85 19.25
C PHE C 136 0.15 1.32 18.98
N THR C 137 0.56 0.28 19.70
CA THR C 137 1.96 -0.12 19.61
C THR C 137 2.19 -1.61 19.77
N ASP C 138 3.35 -2.08 19.31
CA ASP C 138 3.86 -3.44 19.57
C ASP C 138 3.12 -4.55 18.82
N PHE C 139 2.39 -4.16 17.78
CA PHE C 139 1.75 -5.10 16.89
C PHE C 139 2.74 -5.63 15.83
N ASP C 140 2.41 -6.78 15.26
CA ASP C 140 3.30 -7.36 14.24
C ASP C 140 3.09 -6.69 12.89
N SER C 141 4.01 -6.94 11.96
CA SER C 141 4.05 -6.23 10.71
C SER C 141 2.85 -6.53 9.81
N GLN C 142 2.09 -7.55 10.15
CA GLN C 142 0.89 -7.87 9.38
C GLN C 142 -0.29 -6.91 9.63
N THR C 143 -0.30 -6.24 10.78
CA THR C 143 -1.40 -5.32 11.09
C THR C 143 -1.32 -4.06 10.23
N ASN C 144 -2.45 -3.60 9.74
CA ASN C 144 -2.50 -2.36 8.97
C ASN C 144 -3.32 -1.32 9.69
N VAL C 145 -2.81 -0.09 9.72
CA VAL C 145 -3.49 0.98 10.43
C VAL C 145 -4.23 1.85 9.43
N SER C 146 -5.54 1.94 9.59
CA SER C 146 -6.39 2.66 8.66
C SER C 146 -6.56 4.13 9.06
N GLN C 147 -6.74 4.99 8.06
CA GLN C 147 -7.00 6.39 8.32
C GLN C 147 -8.34 6.54 9.01
N SER C 148 -8.55 7.68 9.64
CA SER C 148 -9.81 7.94 10.31
C SER C 148 -10.89 8.29 9.30
N LYS C 149 -12.13 8.00 9.64
CA LYS C 149 -13.24 8.36 8.76
C LYS C 149 -14.01 9.60 9.22
N ASP C 150 -13.39 10.42 10.06
CA ASP C 150 -14.00 11.71 10.41
C ASP C 150 -12.95 12.78 10.66
N SER C 151 -13.16 13.95 10.05
CA SER C 151 -12.20 15.05 10.08
C SER C 151 -11.78 15.44 11.49
N ASP C 152 -12.57 15.02 12.48
CA ASP C 152 -12.29 15.36 13.88
C ASP C 152 -11.14 14.53 14.49
N VAL C 153 -10.81 13.40 13.86
CA VAL C 153 -9.77 12.53 14.39
C VAL C 153 -8.62 12.37 13.42
N TYR C 154 -7.40 12.36 13.96
CA TYR C 154 -6.19 12.26 13.18
C TYR C 154 -5.46 10.97 13.54
N ILE C 155 -5.11 10.20 12.53
CA ILE C 155 -4.42 8.93 12.73
C ILE C 155 -3.23 8.81 11.79
N THR C 156 -2.07 8.52 12.35
CA THR C 156 -0.84 8.46 11.54
C THR C 156 -0.67 7.07 10.95
N ASP C 157 0.21 6.95 9.97
CA ASP C 157 0.60 5.64 9.48
C ASP C 157 1.46 4.94 10.54
N LYS C 158 1.66 3.64 10.43
CA LYS C 158 2.57 2.96 11.35
C LYS C 158 4.01 3.39 11.09
N CYS C 159 4.83 3.20 12.10
CA CYS C 159 6.21 3.67 12.10
C CYS C 159 7.02 2.65 12.90
N VAL C 160 8.19 2.27 12.39
CA VAL C 160 9.08 1.32 13.07
C VAL C 160 10.25 2.02 13.73
N LEU C 161 10.41 1.81 15.04
CA LEU C 161 11.58 2.31 15.74
C LEU C 161 12.45 1.12 16.14
N ASP C 162 13.75 1.41 16.28
CA ASP C 162 14.74 0.37 16.54
C ASP C 162 15.54 0.84 17.74
N MET C 163 15.30 0.21 18.89
CA MET C 163 16.09 0.49 20.08
C MET C 163 17.39 -0.32 19.99
N ARG C 164 18.41 0.26 19.37
CA ARG C 164 19.63 -0.46 19.01
C ARG C 164 20.27 -1.11 20.23
N SER C 165 20.49 -0.33 21.29
CA SER C 165 21.05 -0.82 22.54
C SER C 165 20.45 -2.16 22.97
N MET C 166 19.16 -2.35 22.70
CA MET C 166 18.47 -3.57 23.12
C MET C 166 18.12 -4.49 21.97
N ASP C 167 18.55 -4.13 20.76
CA ASP C 167 18.20 -4.88 19.56
C ASP C 167 16.72 -5.25 19.62
N PHE C 168 15.88 -4.22 19.79
CA PHE C 168 14.45 -4.41 19.89
C PHE C 168 13.76 -3.46 18.93
N LYS C 169 12.88 -4.00 18.10
CA LYS C 169 12.12 -3.19 17.16
C LYS C 169 10.63 -3.24 17.49
N SER C 170 9.93 -2.13 17.27
CA SER C 170 8.48 -2.09 17.47
C SER C 170 7.78 -1.11 16.53
N ASN C 171 6.59 -1.50 16.09
CA ASN C 171 5.71 -0.66 15.30
C ASN C 171 4.85 0.23 16.19
N SER C 172 4.41 1.37 15.66
CA SER C 172 3.41 2.15 16.38
C SER C 172 2.73 3.13 15.47
N ALA C 173 1.53 3.54 15.85
CA ALA C 173 0.80 4.62 15.17
C ALA C 173 0.14 5.46 16.25
N VAL C 174 -0.09 6.74 15.94
CA VAL C 174 -0.65 7.67 16.91
C VAL C 174 -2.01 8.14 16.43
N ALA C 175 -2.96 8.29 17.35
CA ALA C 175 -4.24 8.93 17.04
C ALA C 175 -4.53 10.02 18.06
N TRP C 176 -5.15 11.11 17.63
CA TRP C 176 -5.55 12.15 18.56
C TRP C 176 -6.79 12.88 18.05
N SER C 177 -7.43 13.63 18.95
CA SER C 177 -8.61 14.41 18.58
C SER C 177 -8.93 15.46 19.64
N ASN C 178 -9.94 16.27 19.36
CA ASN C 178 -10.44 17.25 20.30
C ASN C 178 -11.85 16.91 20.74
N LYS C 179 -12.59 16.28 19.83
CA LYS C 179 -13.96 15.85 20.08
C LYS C 179 -14.06 15.08 21.40
N SER C 180 -14.90 15.58 22.31
CA SER C 180 -15.06 14.98 23.64
C SER C 180 -15.57 13.54 23.59
N ASP C 181 -15.95 13.10 22.39
CA ASP C 181 -16.41 11.72 22.18
C ASP C 181 -15.25 10.78 21.88
N PHE C 182 -14.03 11.31 21.92
CA PHE C 182 -12.84 10.54 21.53
C PHE C 182 -12.17 9.88 22.74
N ALA C 183 -12.05 8.56 22.68
CA ALA C 183 -11.35 7.81 23.69
C ALA C 183 -10.48 6.76 23.02
N CYS C 184 -9.38 6.38 23.66
CA CYS C 184 -8.45 5.46 23.04
C CYS C 184 -9.09 4.10 22.79
N ALA C 185 -10.09 3.76 23.61
CA ALA C 185 -10.81 2.51 23.43
C ALA C 185 -11.34 2.33 22.01
N ASN C 186 -11.68 3.44 21.36
CA ASN C 186 -12.25 3.35 20.02
C ASN C 186 -11.50 4.17 18.96
N ALA C 187 -10.33 4.67 19.31
CA ALA C 187 -9.55 5.49 18.38
C ALA C 187 -9.23 4.76 17.08
N PHE C 188 -8.93 3.46 17.18
CA PHE C 188 -8.50 2.67 16.02
C PHE C 188 -9.58 1.66 15.55
N ASN C 189 -10.82 1.89 15.96
CA ASN C 189 -11.97 1.09 15.51
C ASN C 189 -12.01 0.94 14.01
N ASN C 190 -11.51 1.96 13.32
CA ASN C 190 -11.39 1.96 11.87
C ASN C 190 -10.44 0.88 11.33
N SER C 191 -9.56 0.36 12.19
CA SER C 191 -8.58 -0.63 11.76
C SER C 191 -8.97 -2.04 12.19
N ILE C 192 -8.43 -3.03 11.49
CA ILE C 192 -8.49 -4.41 11.96
C ILE C 192 -7.27 -4.60 12.87
N ILE C 193 -7.51 -4.73 14.16
CA ILE C 193 -6.44 -4.87 15.13
C ILE C 193 -6.55 -6.22 15.83
N PRO C 194 -5.42 -6.76 16.32
CA PRO C 194 -5.38 -8.08 16.93
C PRO C 194 -6.46 -8.24 18.00
N GLU C 195 -7.08 -9.42 18.04
CA GLU C 195 -8.15 -9.68 19.00
C GLU C 195 -7.67 -9.54 20.43
N ASP C 196 -6.40 -9.87 20.65
CA ASP C 196 -5.81 -9.80 21.97
C ASP C 196 -5.15 -8.46 22.25
N THR C 197 -5.59 -7.40 21.59
CA THR C 197 -5.00 -6.08 21.83
C THR C 197 -5.30 -5.57 23.23
N PHE C 198 -4.24 -5.26 23.96
CA PHE C 198 -4.35 -4.76 25.33
C PHE C 198 -4.86 -3.33 25.43
N PHE C 199 -5.98 -3.17 26.13
CA PHE C 199 -6.57 -1.84 26.36
C PHE C 199 -6.59 -1.56 27.87
N PRO C 200 -5.53 -0.90 28.37
CA PRO C 200 -5.34 -0.61 29.81
C PRO C 200 -6.44 0.26 30.39
N SER C 201 -6.50 0.29 31.72
CA SER C 201 -7.49 1.05 32.46
C SER C 201 -8.77 0.24 32.58
N MET D 1 25.98 16.52 3.18
CA MET D 1 27.32 16.30 3.73
C MET D 1 28.45 16.71 2.78
N LYS D 2 28.60 15.98 1.68
CA LYS D 2 29.63 16.32 0.68
C LYS D 2 29.21 17.50 -0.17
N VAL D 3 27.96 17.48 -0.64
CA VAL D 3 27.40 18.59 -1.40
C VAL D 3 26.36 19.27 -0.49
N ILE D 4 26.50 20.58 -0.30
CA ILE D 4 25.65 21.30 0.65
C ILE D 4 24.70 22.26 -0.06
N GLN D 5 23.43 21.90 -0.08
CA GLN D 5 22.40 22.78 -0.63
C GLN D 5 21.68 23.51 0.47
N THR D 6 21.42 24.79 0.24
CA THR D 6 20.58 25.57 1.15
C THR D 6 19.67 26.47 0.32
N PRO D 7 18.47 26.78 0.83
CA PRO D 7 17.95 26.20 2.07
C PRO D 7 17.25 24.89 1.79
N ARG D 8 17.09 24.04 2.80
CA ARG D 8 16.49 22.71 2.59
C ARG D 8 15.04 22.79 2.06
N TYR D 9 14.31 23.79 2.54
CA TYR D 9 12.96 24.10 2.09
C TYR D 9 12.83 25.59 1.85
N LEU D 10 11.87 25.96 1.00
CA LEU D 10 11.70 27.36 0.62
C LEU D 10 10.26 27.59 0.21
N VAL D 11 9.63 28.64 0.76
CA VAL D 11 8.31 29.03 0.32
C VAL D 11 8.35 30.44 -0.20
N LYS D 12 7.67 30.68 -1.32
CA LYS D 12 7.67 31.98 -1.98
C LYS D 12 6.29 32.29 -2.55
N GLY D 13 5.98 33.57 -2.70
CA GLY D 13 4.74 33.98 -3.34
C GLY D 13 4.96 34.07 -4.84
N GLN D 14 3.90 33.90 -5.62
CA GLN D 14 4.00 34.06 -7.07
C GLN D 14 4.56 35.44 -7.36
N GLY D 15 5.49 35.50 -8.31
CA GLY D 15 6.08 36.77 -8.70
C GLY D 15 7.39 37.06 -8.00
N GLN D 16 7.64 36.37 -6.88
CA GLN D 16 8.87 36.61 -6.12
C GLN D 16 10.05 35.82 -6.67
N LYS D 17 11.26 36.30 -6.42
CA LYS D 17 12.47 35.57 -6.80
C LYS D 17 12.67 34.42 -5.83
N ALA D 18 13.16 33.28 -6.35
CA ALA D 18 13.50 32.16 -5.48
C ALA D 18 14.96 31.75 -5.70
N LYS D 19 15.81 32.00 -4.72
CA LYS D 19 17.21 31.71 -4.88
C LYS D 19 17.62 30.50 -4.04
N MET D 20 18.42 29.64 -4.61
CA MET D 20 18.91 28.50 -3.85
C MET D 20 20.37 28.28 -4.18
N ARG D 21 21.07 27.66 -3.24
CA ARG D 21 22.52 27.62 -3.30
C ARG D 21 23.04 26.22 -3.16
N CYS D 22 24.23 26.00 -3.70
CA CYS D 22 24.85 24.69 -3.68
C CYS D 22 26.35 24.85 -3.58
N ILE D 23 26.97 24.14 -2.63
CA ILE D 23 28.40 24.09 -2.55
C ILE D 23 28.80 22.70 -3.03
N PRO D 24 29.37 22.63 -4.23
CA PRO D 24 29.75 21.33 -4.80
C PRO D 24 30.82 20.68 -3.95
N GLU D 25 31.00 19.37 -4.11
CA GLU D 25 32.05 18.68 -3.36
C GLU D 25 33.42 19.24 -3.71
N LYS D 26 34.24 19.44 -2.69
CA LYS D 26 35.63 19.84 -2.92
C LYS D 26 36.27 18.94 -3.95
N GLY D 27 36.96 19.54 -4.91
CA GLY D 27 37.66 18.80 -5.94
C GLY D 27 36.82 18.64 -7.20
N HIS D 28 35.53 18.93 -7.09
CA HIS D 28 34.63 18.73 -8.21
C HIS D 28 34.30 20.04 -8.90
N PRO D 29 34.71 20.15 -10.16
CA PRO D 29 34.46 21.38 -10.92
C PRO D 29 33.17 21.33 -11.72
N VAL D 30 32.58 20.14 -11.86
CA VAL D 30 31.36 20.02 -12.66
C VAL D 30 30.12 19.97 -11.76
N VAL D 31 29.15 20.82 -12.07
CA VAL D 31 27.97 20.99 -11.24
C VAL D 31 26.69 20.91 -12.07
N PHE D 32 25.73 20.09 -11.61
CA PHE D 32 24.48 19.87 -12.34
C PHE D 32 23.28 20.32 -11.49
N TRP D 33 22.29 20.91 -12.12
CA TRP D 33 21.01 21.16 -11.45
C TRP D 33 19.90 20.37 -12.13
N TYR D 34 19.10 19.67 -11.33
CA TYR D 34 17.93 18.93 -11.81
C TYR D 34 16.69 19.40 -11.08
N GLN D 35 15.56 19.32 -11.77
CA GLN D 35 14.26 19.57 -11.15
C GLN D 35 13.49 18.24 -11.03
N GLN D 36 13.22 17.81 -9.79
CA GLN D 36 12.51 16.54 -9.59
C GLN D 36 11.05 16.77 -9.20
N ASN D 37 10.13 16.12 -9.92
CA ASN D 37 8.71 16.26 -9.57
C ASN D 37 8.19 15.13 -8.68
N LYS D 38 6.91 15.21 -8.31
CA LYS D 38 6.32 14.25 -7.39
C LYS D 38 6.29 12.84 -7.97
N ASN D 39 6.52 12.74 -9.28
CA ASN D 39 6.53 11.43 -9.92
C ASN D 39 7.95 10.88 -10.11
N ASN D 40 8.88 11.46 -9.37
CA ASN D 40 10.26 11.00 -9.34
C ASN D 40 10.96 11.15 -10.68
N GLU D 41 10.46 12.06 -11.51
CA GLU D 41 11.10 12.41 -12.79
C GLU D 41 12.19 13.46 -12.57
N PHE D 42 13.36 13.22 -13.14
CA PHE D 42 14.48 14.15 -13.03
C PHE D 42 14.56 14.94 -14.32
N LYS D 43 14.46 16.25 -14.23
CA LYS D 43 14.55 17.11 -15.41
C LYS D 43 15.84 17.91 -15.35
N PHE D 44 16.74 17.66 -16.29
CA PHE D 44 17.98 18.43 -16.34
C PHE D 44 17.70 19.91 -16.64
N LEU D 45 18.36 20.80 -15.90
CA LEU D 45 18.19 22.25 -16.09
C LEU D 45 19.44 22.86 -16.69
N ILE D 46 20.61 22.57 -16.10
CA ILE D 46 21.85 23.24 -16.48
C ILE D 46 23.04 22.64 -15.76
N ASN D 47 24.21 22.67 -16.41
CA ASN D 47 25.45 22.29 -15.73
C ASN D 47 26.61 23.22 -16.04
N PHE D 48 27.61 23.20 -15.17
CA PHE D 48 28.77 24.10 -15.26
C PHE D 48 30.05 23.31 -15.16
N GLN D 49 31.06 23.79 -15.88
CA GLN D 49 32.42 23.37 -15.62
C GLN D 49 33.08 24.57 -14.98
N ASN D 50 33.36 24.50 -13.67
CA ASN D 50 33.83 25.67 -12.94
C ASN D 50 32.85 26.84 -13.13
N GLN D 51 33.34 27.98 -13.62
CA GLN D 51 32.46 29.15 -13.73
C GLN D 51 31.64 29.20 -15.02
N GLU D 52 31.93 28.32 -15.97
CA GLU D 52 31.24 28.44 -17.25
C GLU D 52 30.18 27.36 -17.47
N VAL D 53 29.14 27.71 -18.21
CA VAL D 53 28.05 26.79 -18.45
C VAL D 53 28.44 25.82 -19.55
N LEU D 54 28.06 24.56 -19.38
CA LEU D 54 28.25 23.56 -20.43
C LEU D 54 26.96 23.40 -21.22
N GLN D 55 25.95 22.80 -20.60
CA GLN D 55 24.67 22.56 -21.23
C GLN D 55 23.56 23.27 -20.44
N GLN D 56 22.43 23.51 -21.07
CA GLN D 56 21.23 24.01 -20.38
C GLN D 56 20.02 24.03 -21.31
N ILE D 57 18.82 24.00 -20.74
CA ILE D 57 17.59 24.06 -21.54
C ILE D 57 17.11 25.49 -21.70
N ASP D 58 16.16 25.70 -22.61
CA ASP D 58 15.69 27.04 -22.91
C ASP D 58 14.91 27.64 -21.74
N MET D 59 14.12 26.80 -21.07
CA MET D 59 13.34 27.20 -19.91
C MET D 59 14.23 27.89 -18.89
N THR D 60 15.39 27.30 -18.65
CA THR D 60 16.36 27.81 -17.69
C THR D 60 16.95 29.16 -18.13
N GLU D 61 17.29 29.27 -19.41
CA GLU D 61 17.94 30.50 -19.88
C GLU D 61 16.97 31.67 -20.01
N LYS D 62 15.66 31.38 -20.02
CA LYS D 62 14.65 32.43 -20.05
C LYS D 62 14.18 32.87 -18.65
N ARG D 63 14.16 31.92 -17.72
CA ARG D 63 13.42 32.12 -16.48
C ARG D 63 14.26 32.01 -15.21
N PHE D 64 15.47 31.48 -15.34
CA PHE D 64 16.35 31.23 -14.20
C PHE D 64 17.68 31.94 -14.38
N SER D 65 18.27 32.45 -13.30
CA SER D 65 19.62 32.98 -13.38
C SER D 65 20.53 32.09 -12.55
N ALA D 66 21.54 31.48 -13.19
CA ALA D 66 22.44 30.55 -12.49
C ALA D 66 23.90 30.89 -12.71
N GLU D 67 24.68 30.75 -11.65
CA GLU D 67 26.12 31.00 -11.76
C GLU D 67 26.88 30.19 -10.75
N CYS D 68 28.14 29.89 -11.05
CA CYS D 68 29.03 29.28 -10.08
C CYS D 68 30.29 30.14 -9.93
N PRO D 69 30.22 31.21 -9.11
CA PRO D 69 31.35 32.14 -8.96
C PRO D 69 32.59 31.47 -8.39
N SER D 70 33.75 32.08 -8.62
CA SER D 70 34.99 31.59 -8.04
C SER D 70 34.95 31.72 -6.53
N ASN D 71 35.28 30.64 -5.84
CA ASN D 71 35.41 30.68 -4.38
C ASN D 71 34.09 30.98 -3.66
N SER D 72 32.97 30.71 -4.32
CA SER D 72 31.64 30.96 -3.77
C SER D 72 30.70 29.79 -4.08
N PRO D 73 29.57 29.69 -3.36
CA PRO D 73 28.59 28.64 -3.69
C PRO D 73 27.97 28.89 -5.07
N CYS D 74 27.56 27.83 -5.74
CA CYS D 74 26.77 28.01 -6.95
C CYS D 74 25.38 28.47 -6.56
N SER D 75 24.70 29.15 -7.46
CA SER D 75 23.33 29.56 -7.21
C SER D 75 22.43 29.38 -8.43
N LEU D 76 21.14 29.17 -8.13
CA LEU D 76 20.10 29.03 -9.13
C LEU D 76 18.94 29.87 -8.66
N GLU D 77 18.53 30.82 -9.49
CA GLU D 77 17.50 31.76 -9.06
C GLU D 77 16.37 31.83 -10.06
N ILE D 78 15.15 31.55 -9.59
CA ILE D 78 13.98 31.73 -10.43
C ILE D 78 13.61 33.20 -10.36
N GLN D 79 13.49 33.85 -11.50
CA GLN D 79 13.31 35.31 -11.50
C GLN D 79 11.90 35.75 -11.08
N SER D 80 10.89 35.05 -11.58
CA SER D 80 9.52 35.34 -11.24
C SER D 80 8.78 34.02 -10.97
N SER D 81 8.71 33.62 -9.71
CA SER D 81 8.19 32.30 -9.34
C SER D 81 6.72 32.05 -9.72
N GLU D 82 6.44 30.82 -10.14
CA GLU D 82 5.08 30.39 -10.46
C GLU D 82 4.78 29.07 -9.76
N ALA D 83 3.51 28.78 -9.52
CA ALA D 83 3.10 27.54 -8.87
C ALA D 83 3.76 26.33 -9.50
N GLY D 84 3.82 26.33 -10.84
CA GLY D 84 4.39 25.21 -11.56
C GLY D 84 5.89 25.03 -11.38
N ASP D 85 6.51 25.95 -10.64
CA ASP D 85 7.93 25.82 -10.32
C ASP D 85 8.16 25.02 -9.03
N SER D 86 7.08 24.74 -8.32
CA SER D 86 7.21 23.98 -7.09
C SER D 86 7.80 22.61 -7.43
N ALA D 87 8.88 22.24 -6.75
CA ALA D 87 9.58 20.98 -7.04
C ALA D 87 10.72 20.83 -6.06
N LEU D 88 11.42 19.71 -6.16
CA LEU D 88 12.67 19.52 -5.45
C LEU D 88 13.81 19.84 -6.42
N TYR D 89 14.60 20.87 -6.09
CA TYR D 89 15.75 21.23 -6.90
C TYR D 89 16.98 20.54 -6.36
N LEU D 90 17.61 19.72 -7.18
CA LEU D 90 18.74 18.90 -6.78
C LEU D 90 20.01 19.39 -7.44
N CYS D 91 21.05 19.54 -6.64
CA CYS D 91 22.37 19.89 -7.14
C CYS D 91 23.27 18.68 -7.04
N ALA D 92 23.93 18.29 -8.14
CA ALA D 92 24.95 17.25 -8.08
C ALA D 92 26.29 17.76 -8.62
N SER D 93 27.38 17.27 -8.03
CA SER D 93 28.72 17.58 -8.54
C SER D 93 29.42 16.31 -8.99
N SER D 94 30.35 16.49 -9.91
CA SER D 94 31.10 15.37 -10.43
C SER D 94 32.52 15.80 -10.77
N LEU D 95 33.44 14.83 -10.84
CA LEU D 95 34.84 15.09 -11.17
C LEU D 95 35.02 15.46 -12.63
N ASN D 96 34.38 14.70 -13.51
CA ASN D 96 34.49 14.90 -14.96
C ASN D 96 33.17 15.37 -15.55
N ASN D 97 33.24 15.93 -16.75
CA ASN D 97 32.06 16.36 -17.50
C ASN D 97 31.17 15.17 -17.84
N ALA D 98 31.78 13.98 -17.93
CA ALA D 98 31.05 12.74 -18.24
C ALA D 98 31.75 11.50 -17.67
N ASN D 99 31.08 10.35 -17.72
CA ASN D 99 31.61 9.08 -17.20
C ASN D 99 32.22 9.15 -15.79
N SER D 100 31.61 9.95 -14.93
CA SER D 100 32.02 10.06 -13.54
C SER D 100 30.77 10.11 -12.66
N ASP D 101 30.83 9.54 -11.47
CA ASP D 101 29.64 9.46 -10.62
C ASP D 101 29.17 10.82 -10.09
N TYR D 102 27.86 10.98 -9.97
CA TYR D 102 27.26 12.15 -9.32
C TYR D 102 27.22 12.01 -7.82
N THR D 103 27.43 13.14 -7.14
CA THR D 103 27.13 13.26 -5.73
C THR D 103 26.05 14.33 -5.59
N PHE D 104 24.92 13.98 -4.97
CA PHE D 104 23.82 14.93 -4.82
C PHE D 104 23.82 15.56 -3.45
N GLY D 105 23.36 16.82 -3.39
CA GLY D 105 23.07 17.46 -2.12
C GLY D 105 21.68 17.06 -1.67
N SER D 106 21.21 17.65 -0.58
CA SER D 106 19.91 17.31 0.01
C SER D 106 18.73 17.96 -0.70
N GLY D 107 19.00 18.87 -1.63
CA GLY D 107 17.94 19.51 -2.38
C GLY D 107 17.36 20.74 -1.70
N THR D 108 16.71 21.59 -2.50
CA THR D 108 15.84 22.62 -1.97
C THR D 108 14.43 22.31 -2.42
N ARG D 109 13.55 22.01 -1.45
CA ARG D 109 12.15 21.76 -1.74
C ARG D 109 11.44 23.10 -1.80
N LEU D 110 11.11 23.53 -3.02
CA LEU D 110 10.51 24.85 -3.22
C LEU D 110 9.02 24.71 -3.38
N LEU D 111 8.26 25.54 -2.67
CA LEU D 111 6.82 25.63 -2.85
C LEU D 111 6.42 27.07 -3.18
N VAL D 112 5.71 27.25 -4.28
CA VAL D 112 5.29 28.58 -4.72
C VAL D 112 3.78 28.66 -4.58
N ILE D 113 3.30 29.61 -3.77
CA ILE D 113 1.88 29.73 -3.50
C ILE D 113 1.37 31.15 -3.78
N GLU D 114 0.05 31.30 -3.80
CA GLU D 114 -0.56 32.59 -4.11
C GLU D 114 -0.38 33.60 -2.99
N ASP D 115 -0.56 33.16 -1.75
CA ASP D 115 -0.59 34.08 -0.61
C ASP D 115 0.18 33.59 0.63
N LEU D 116 1.22 34.34 1.01
CA LEU D 116 2.03 34.01 2.18
C LEU D 116 1.29 34.16 3.50
N LYS D 117 0.07 34.68 3.46
CA LYS D 117 -0.74 34.84 4.67
C LYS D 117 -1.15 33.49 5.25
N ASN D 118 -1.04 32.45 4.43
CA ASN D 118 -1.39 31.10 4.86
C ASN D 118 -0.21 30.37 5.54
N VAL D 119 0.92 31.05 5.71
CA VAL D 119 2.08 30.42 6.37
C VAL D 119 1.95 30.48 7.89
N PHE D 120 2.06 29.32 8.55
CA PHE D 120 2.01 29.19 10.02
C PHE D 120 3.07 28.22 10.54
N PRO D 121 3.78 28.61 11.61
CA PRO D 121 4.68 27.67 12.26
C PRO D 121 3.92 26.61 13.05
N PRO D 122 4.60 25.52 13.43
CA PRO D 122 3.92 24.48 14.20
C PRO D 122 3.80 24.85 15.67
N GLU D 123 2.79 24.30 16.31
CA GLU D 123 2.78 24.17 17.76
C GLU D 123 3.33 22.79 18.01
N VAL D 124 4.11 22.64 19.07
CA VAL D 124 4.74 21.35 19.36
C VAL D 124 4.44 20.97 20.79
N ALA D 125 4.03 19.71 21.00
CA ALA D 125 3.81 19.20 22.33
C ALA D 125 4.42 17.82 22.50
N VAL D 126 4.92 17.57 23.71
CA VAL D 126 5.41 16.24 24.07
C VAL D 126 4.44 15.58 25.02
N PHE D 127 4.16 14.30 24.78
CA PHE D 127 3.24 13.53 25.60
C PHE D 127 4.00 12.45 26.34
N GLU D 128 3.73 12.33 27.64
CA GLU D 128 4.53 11.48 28.52
C GLU D 128 4.09 10.03 28.49
N PRO D 129 5.05 9.11 28.68
CA PRO D 129 4.78 7.67 28.64
C PRO D 129 3.65 7.28 29.57
N SER D 130 2.87 6.29 29.16
CA SER D 130 1.80 5.76 29.97
C SER D 130 2.33 4.87 31.10
N GLU D 131 1.71 4.96 32.27
CA GLU D 131 2.08 4.04 33.34
C GLU D 131 1.74 2.60 32.95
N ALA D 132 0.68 2.43 32.18
CA ALA D 132 0.29 1.08 31.76
C ALA D 132 1.36 0.46 30.86
N GLU D 133 1.97 1.25 29.97
CA GLU D 133 3.01 0.74 29.07
C GLU D 133 4.24 0.35 29.89
N ILE D 134 4.61 1.22 30.84
CA ILE D 134 5.76 0.96 31.68
C ILE D 134 5.60 -0.38 32.43
N SER D 135 4.42 -0.60 32.99
CA SER D 135 4.14 -1.86 33.70
C SER D 135 4.10 -3.04 32.74
N HIS D 136 3.49 -2.84 31.58
CA HIS D 136 3.26 -3.92 30.64
C HIS D 136 4.50 -4.40 29.89
N THR D 137 5.46 -3.51 29.65
CA THR D 137 6.56 -3.78 28.74
C THR D 137 7.94 -3.44 29.30
N GLN D 138 7.98 -2.71 30.42
CA GLN D 138 9.22 -2.12 30.92
C GLN D 138 9.89 -1.16 29.95
N LYS D 139 9.09 -0.57 29.07
CA LYS D 139 9.59 0.44 28.15
C LYS D 139 8.67 1.64 28.28
N ALA D 140 9.12 2.79 27.77
CA ALA D 140 8.38 4.03 27.93
C ALA D 140 8.45 4.82 26.63
N THR D 141 7.29 5.05 26.02
CA THR D 141 7.28 5.80 24.77
C THR D 141 6.84 7.24 24.97
N LEU D 142 7.69 8.19 24.57
CA LEU D 142 7.28 9.59 24.46
C LEU D 142 6.76 9.86 23.06
N VAL D 143 5.73 10.69 22.97
CA VAL D 143 5.24 11.09 21.67
C VAL D 143 5.36 12.59 21.50
N CYS D 144 5.90 13.00 20.33
CA CYS D 144 5.93 14.40 19.96
C CYS D 144 4.92 14.67 18.86
N LEU D 145 4.15 15.73 19.01
CA LEU D 145 3.17 16.13 18.00
C LEU D 145 3.42 17.58 17.57
N ALA D 146 3.72 17.77 16.29
CA ALA D 146 3.74 19.11 15.71
C ALA D 146 2.46 19.30 14.90
N THR D 147 1.75 20.40 15.14
CA THR D 147 0.44 20.59 14.51
C THR D 147 0.23 22.00 13.98
N GLY D 148 -0.70 22.12 13.04
CA GLY D 148 -1.16 23.41 12.53
C GLY D 148 -0.15 24.19 11.71
N PHE D 149 0.85 23.52 11.14
CA PHE D 149 1.85 24.21 10.33
C PHE D 149 1.55 24.21 8.83
N TYR D 150 2.02 25.26 8.15
CA TYR D 150 1.91 25.35 6.70
C TYR D 150 3.01 26.29 6.19
N PRO D 151 3.74 25.86 5.15
CA PRO D 151 3.59 24.60 4.43
C PRO D 151 4.21 23.43 5.20
N ASP D 152 4.26 22.24 4.59
CA ASP D 152 4.79 21.06 5.28
C ASP D 152 6.31 20.99 5.17
N HIS D 153 6.96 22.05 5.67
CA HIS D 153 8.39 22.21 5.55
C HIS D 153 9.01 22.22 6.93
N VAL D 154 9.14 21.04 7.54
CA VAL D 154 9.69 20.93 8.89
C VAL D 154 10.69 19.79 8.96
N GLU D 155 11.58 19.86 9.95
CA GLU D 155 12.51 18.78 10.27
C GLU D 155 12.41 18.51 11.77
N LEU D 156 12.08 17.29 12.15
CA LEU D 156 11.88 16.98 13.57
C LEU D 156 13.04 16.13 14.10
N SER D 157 13.53 16.49 15.28
CA SER D 157 14.63 15.77 15.94
C SER D 157 14.40 15.63 17.44
N TRP D 158 15.02 14.61 18.04
CA TRP D 158 14.90 14.38 19.49
C TRP D 158 16.25 14.63 20.14
N TRP D 159 16.21 15.25 21.30
CA TRP D 159 17.43 15.61 22.02
C TRP D 159 17.32 15.10 23.45
N VAL D 160 18.27 14.27 23.84
CA VAL D 160 18.27 13.67 25.17
C VAL D 160 19.51 14.14 25.91
N ASN D 161 19.28 14.85 27.01
CA ASN D 161 20.36 15.53 27.73
C ASN D 161 21.28 16.32 26.81
N GLY D 162 20.68 17.08 25.91
CA GLY D 162 21.41 18.03 25.07
C GLY D 162 22.08 17.43 23.86
N LYS D 163 21.90 16.13 23.65
CA LYS D 163 22.50 15.47 22.51
C LYS D 163 21.43 14.80 21.63
N GLU D 164 21.53 14.97 20.32
CA GLU D 164 20.54 14.40 19.41
C GLU D 164 20.60 12.88 19.48
N VAL D 165 19.44 12.24 19.48
CA VAL D 165 19.39 10.78 19.43
C VAL D 165 18.70 10.31 18.16
N HIS D 166 19.04 9.09 17.73
CA HIS D 166 18.43 8.47 16.56
C HIS D 166 17.92 7.09 16.93
N SER D 167 18.61 6.45 17.86
CA SER D 167 18.15 5.15 18.33
C SER D 167 16.83 5.27 19.11
N GLY D 168 15.89 4.36 18.86
CA GLY D 168 14.62 4.34 19.57
C GLY D 168 13.63 5.38 19.05
N VAL D 169 13.93 5.96 17.87
CA VAL D 169 13.09 7.02 17.31
C VAL D 169 12.40 6.58 16.03
N CYS D 170 11.13 6.98 15.85
CA CYS D 170 10.53 6.92 14.52
C CYS D 170 9.62 8.12 14.28
N THR D 171 9.80 8.78 13.14
CA THR D 171 9.01 9.96 12.78
C THR D 171 8.19 9.67 11.53
N ASP D 172 6.95 10.14 11.47
CA ASP D 172 6.10 9.87 10.31
C ASP D 172 6.84 10.24 9.03
N PRO D 173 6.75 9.38 8.00
CA PRO D 173 7.36 9.62 6.70
C PRO D 173 6.90 10.93 6.09
N GLN D 174 5.60 11.21 6.17
CA GLN D 174 5.07 12.48 5.68
C GLN D 174 4.11 13.09 6.70
N PRO D 175 4.10 14.42 6.77
CA PRO D 175 3.09 15.07 7.61
C PRO D 175 1.69 14.84 7.05
N LEU D 176 0.67 14.83 7.90
CA LEU D 176 -0.69 14.67 7.42
C LEU D 176 -1.46 15.98 7.34
N LYS D 177 -2.41 16.06 6.42
CA LYS D 177 -3.31 17.22 6.34
C LYS D 177 -4.34 17.16 7.44
N GLU D 178 -4.52 18.27 8.15
CA GLU D 178 -5.50 18.36 9.21
C GLU D 178 -6.92 18.51 8.64
N GLN D 179 -6.99 18.89 7.38
CA GLN D 179 -8.25 18.97 6.64
C GLN D 179 -8.00 18.50 5.22
N PRO D 180 -7.98 17.18 4.99
CA PRO D 180 -7.61 16.59 3.70
C PRO D 180 -8.36 17.19 2.52
N ALA D 181 -9.67 17.39 2.68
CA ALA D 181 -10.52 17.95 1.62
C ALA D 181 -10.31 19.46 1.56
N LEU D 182 -9.06 19.90 1.62
CA LEU D 182 -8.77 21.33 1.67
C LEU D 182 -7.38 21.63 1.10
N ASN D 183 -7.30 22.65 0.27
CA ASN D 183 -6.07 22.95 -0.45
C ASN D 183 -4.98 23.58 0.41
N ASP D 184 -5.38 24.59 1.17
CA ASP D 184 -4.43 25.31 2.00
C ASP D 184 -4.40 24.72 3.41
N SER D 185 -4.82 23.45 3.51
CA SER D 185 -4.87 22.76 4.79
C SER D 185 -3.54 22.86 5.50
N ARG D 186 -3.60 23.01 6.82
CA ARG D 186 -2.38 22.94 7.64
C ARG D 186 -2.06 21.47 7.93
N TYR D 187 -0.86 21.23 8.44
CA TYR D 187 -0.35 19.87 8.60
C TYR D 187 -0.02 19.52 10.04
N ALA D 188 0.08 18.22 10.28
CA ALA D 188 0.53 17.68 11.54
C ALA D 188 1.58 16.61 11.26
N LEU D 189 2.43 16.37 12.25
CA LEU D 189 3.48 15.37 12.13
C LEU D 189 3.69 14.81 13.52
N SER D 190 3.84 13.49 13.63
CA SER D 190 4.12 12.88 14.93
C SER D 190 5.45 12.15 14.92
N SER D 191 6.04 12.01 16.10
CA SER D 191 7.26 11.20 16.26
C SER D 191 7.21 10.46 17.58
N ARG D 192 7.89 9.31 17.66
CA ARG D 192 8.02 8.59 18.92
C ARG D 192 9.50 8.41 19.29
N LEU D 193 9.77 8.49 20.59
CA LEU D 193 11.09 8.19 21.16
C LEU D 193 10.81 7.19 22.27
N ARG D 194 11.38 5.99 22.17
CA ARG D 194 11.14 4.97 23.16
C ARG D 194 12.42 4.65 23.90
N VAL D 195 12.32 4.64 25.23
CA VAL D 195 13.48 4.37 26.07
C VAL D 195 13.07 3.33 27.09
N SER D 196 14.02 2.82 27.88
CA SER D 196 13.67 1.85 28.89
C SER D 196 12.88 2.52 30.00
N ALA D 197 12.09 1.76 30.73
CA ALA D 197 11.35 2.29 31.86
C ALA D 197 12.27 3.01 32.86
N THR D 198 13.42 2.41 33.16
CA THR D 198 14.34 3.02 34.13
C THR D 198 14.87 4.35 33.63
N PHE D 199 15.21 4.45 32.35
CA PHE D 199 15.71 5.70 31.81
C PHE D 199 14.67 6.82 31.98
N TRP D 200 13.42 6.51 31.66
CA TRP D 200 12.34 7.48 31.80
C TRP D 200 12.09 7.84 33.27
N GLN D 201 12.38 6.89 34.16
CA GLN D 201 12.10 7.09 35.58
C GLN D 201 13.16 7.97 36.26
N ASN D 202 14.21 8.32 35.52
CA ASN D 202 15.30 9.15 36.04
C ASN D 202 15.06 10.65 35.83
N PRO D 203 14.73 11.38 36.91
CA PRO D 203 14.40 12.81 36.87
C PRO D 203 15.55 13.69 36.41
N ARG D 204 16.76 13.13 36.34
CA ARG D 204 17.90 13.85 35.81
C ARG D 204 17.88 13.83 34.27
N ASN D 205 17.10 12.92 33.69
CA ASN D 205 17.07 12.83 32.24
C ASN D 205 16.12 13.86 31.63
N HIS D 206 16.61 14.57 30.63
CA HIS D 206 15.82 15.60 29.95
C HIS D 206 15.53 15.17 28.51
N PHE D 207 14.28 15.30 28.09
CA PHE D 207 13.87 14.91 26.73
C PHE D 207 13.30 16.13 26.03
N ARG D 208 13.82 16.45 24.85
CA ARG D 208 13.26 17.58 24.10
C ARG D 208 13.02 17.23 22.66
N CYS D 209 11.80 17.52 22.20
CA CYS D 209 11.46 17.40 20.79
C CYS D 209 11.63 18.75 20.12
N GLN D 210 12.43 18.77 19.06
CA GLN D 210 12.76 20.00 18.35
C GLN D 210 12.24 19.96 16.90
N VAL D 211 11.45 20.96 16.52
CA VAL D 211 10.93 21.04 15.15
C VAL D 211 11.45 22.30 14.45
N GLN D 212 12.37 22.12 13.50
CA GLN D 212 12.79 23.24 12.66
C GLN D 212 11.75 23.52 11.59
N PHE D 213 11.25 24.75 11.58
CA PHE D 213 10.26 25.19 10.60
C PHE D 213 10.88 26.18 9.62
N TYR D 214 10.55 26.03 8.35
CA TYR D 214 11.01 26.96 7.33
C TYR D 214 9.82 27.77 6.87
N GLY D 215 9.90 29.10 7.02
CA GLY D 215 8.82 29.97 6.59
C GLY D 215 9.38 31.26 6.02
N LEU D 216 8.94 32.39 6.58
CA LEU D 216 9.36 33.67 6.05
C LEU D 216 10.75 34.08 6.57
N SER D 217 11.37 35.02 5.86
CA SER D 217 12.66 35.56 6.28
C SER D 217 12.49 37.03 6.64
N GLU D 218 13.58 37.69 7.02
CA GLU D 218 13.50 39.07 7.50
C GLU D 218 13.09 40.06 6.41
N ASN D 219 13.55 39.82 5.19
CA ASN D 219 13.22 40.72 4.08
C ASN D 219 11.77 40.59 3.62
N ASP D 220 11.09 39.53 4.05
CA ASP D 220 9.69 39.34 3.69
C ASP D 220 8.81 40.36 4.41
N GLU D 221 7.89 40.96 3.69
CA GLU D 221 6.97 41.92 4.27
C GLU D 221 5.86 41.21 5.05
N TRP D 222 5.43 41.84 6.14
CA TRP D 222 4.38 41.27 6.97
C TRP D 222 3.57 42.38 7.65
N THR D 223 2.31 42.49 7.25
CA THR D 223 1.43 43.52 7.78
C THR D 223 0.25 42.93 8.53
N GLN D 224 0.32 41.64 8.86
CA GLN D 224 -0.73 40.96 9.60
C GLN D 224 -0.60 41.24 11.09
N ASP D 225 -1.71 41.16 11.80
CA ASP D 225 -1.72 41.31 13.25
C ASP D 225 -0.91 40.20 13.92
N ARG D 226 -0.96 39.00 13.35
CA ARG D 226 -0.30 37.88 14.02
C ARG D 226 1.21 37.92 13.85
N ALA D 227 1.92 37.26 14.76
CA ALA D 227 3.38 37.22 14.71
C ALA D 227 3.81 36.73 13.34
N LYS D 228 4.79 37.39 12.75
CA LYS D 228 5.34 36.99 11.46
C LYS D 228 5.77 35.52 11.52
N PRO D 229 5.30 34.71 10.56
CA PRO D 229 5.61 33.27 10.60
C PRO D 229 6.99 32.95 9.99
N VAL D 230 8.02 33.39 10.69
CA VAL D 230 9.39 33.26 10.23
C VAL D 230 9.94 31.85 10.44
N THR D 231 11.00 31.53 9.71
CA THR D 231 11.76 30.31 9.94
C THR D 231 12.23 30.31 11.38
N GLN D 232 12.00 29.20 12.09
CA GLN D 232 12.28 29.14 13.52
C GLN D 232 12.23 27.72 14.03
N ILE D 233 12.79 27.52 15.20
CA ILE D 233 12.66 26.24 15.90
C ILE D 233 11.58 26.31 16.98
N VAL D 234 10.71 25.31 17.01
CA VAL D 234 9.68 25.23 18.03
C VAL D 234 9.88 23.90 18.75
N SER D 235 10.05 23.94 20.06
CA SER D 235 10.40 22.73 20.83
C SER D 235 9.38 22.47 21.93
N ALA D 236 9.39 21.24 22.43
CA ALA D 236 8.63 20.90 23.63
C ALA D 236 9.48 19.91 24.40
N GLU D 237 9.33 19.88 25.72
CA GLU D 237 10.23 19.08 26.54
C GLU D 237 9.54 18.44 27.73
N ALA D 238 10.24 17.47 28.32
CA ALA D 238 9.77 16.81 29.52
C ALA D 238 10.97 16.20 30.24
N TRP D 239 10.88 16.10 31.56
CA TRP D 239 11.92 15.47 32.35
C TRP D 239 11.46 14.09 32.83
N GLY D 240 12.42 13.22 33.12
CA GLY D 240 12.10 11.92 33.71
C GLY D 240 11.31 12.09 34.99
N ARG D 241 10.43 11.13 35.26
CA ARG D 241 9.56 11.17 36.42
C ARG D 241 9.66 9.84 37.18
N ALA D 242 9.65 9.90 38.52
CA ALA D 242 9.81 8.71 39.34
C ALA D 242 8.53 7.87 39.41
#